data_8HJG
#
_entry.id   8HJG
#
_cell.length_a   78.178
_cell.length_b   76.483
_cell.length_c   82.182
_cell.angle_alpha   90.000
_cell.angle_beta   92.636
_cell.angle_gamma   90.000
#
_symmetry.space_group_name_H-M   'P 1 21 1'
#
loop_
_entity.id
_entity.type
_entity.pdbx_description
1 polymer glycosyltransferase
2 non-polymer (20S)-2,5,8,11,14,17-HEXAMETHYL-3,6,9,12,15,18-HEXAOXAHENICOSANE-1,20-DIOL
3 non-polymer (2S,3S,4S,5R,6R)-2-(hydroxymethyl)-6-[[(2R,3S,4S,5R,6R)-6-[[(3S,8S,9R,10R,11R,13R,14S,17R)-17-[(2S,5R)-5-[(2S,3R,4S,5S,6R)-3-[(2R,3R,4S,5S,6S)-6-(hydroxymethyl)-3,4,5-tris(oxidanyl)oxan-2-yl]oxy-6-[[(2R,3R,4S,5S,6S)-6-(hydroxymethyl)-3,4,5-tris(oxidanyl)oxan-2-yl]oxymethyl]-4,5-bis(oxidanyl)oxan-2-yl]oxy-6-methyl-6-oxidanyl-heptan-2-yl]-4,4,9,13,14-pentamethyl-11-oxidanyl-2,3,7,8,10,11,12,15,16,17-decahydro-1H-cyclopenta[a]phenanthren-3-yl]oxy]-3,4,5-tris(oxidanyl)oxan-2-yl]methoxy]oxane-3,4,5-triol
4 non-polymer "URIDINE-5'-DIPHOSPHATE"
5 non-polymer 2-AMINO-2-HYDROXYMETHYL-PROPANE-1,3-DIOL
6 water water
#
_entity_poly.entity_id   1
_entity_poly.type   'polypeptide(L)'
_entity_poly.pdbx_seq_one_letter_code
;MDAAQQGDTTTILMLPWLGYGHLSAFLELAKSLSRRNFHIYFCSTSVNLDAIKPKLPSSFSDSIQFVELHLPSSPEFPPH
LHTTNGLPPTLMPALHQAFSMAAQHFESILQTLAPHLLIYDSLQPWAPRVASSLKIPAINFNTTGVFGISQGLHPIHYPH
SKFPFSEFVLHNHWKAMYSTADGASTERTRKRGEAFLYCLHASCSVILINSFRELEGKYMDYLSVLLNKKVVPVGPLVYE
PNQDGEDEGYSSIKNWLDKKEPSSTVFVSFGSEYFPSKEEMEEIAHGLEASEVNFIWVVRFPQGDNTSGIEDALPKGFLE
RAGERGMVVKGWAPQAKILKHWSTGGFVSHCGWNSVMESMMFGVPIIGVPMHVDQPFNAGLVEEAGVGVEAKRDPDGKIQ
RDEVAKLIKEVVVEKTREDVRKKAREMSEILRSKGEEKFDEMVAEISLLLKIEHHHHHH
;
_entity_poly.pdbx_strand_id   A,B
#
# COMPACT_ATOMS: atom_id res chain seq x y z
N THR A 9 24.51 12.72 9.56
CA THR A 9 23.54 11.64 9.37
C THR A 9 23.78 10.55 10.41
N THR A 10 22.70 10.13 11.05
CA THR A 10 22.81 9.04 12.01
C THR A 10 22.90 7.69 11.29
N THR A 11 23.86 6.86 11.71
CA THR A 11 24.16 5.61 11.04
C THR A 11 23.85 4.43 11.94
N ILE A 12 23.29 3.38 11.33
CA ILE A 12 22.93 2.15 12.03
C ILE A 12 23.56 1.00 11.26
N LEU A 13 24.29 0.13 11.96
CA LEU A 13 24.69 -1.14 11.35
C LEU A 13 23.73 -2.23 11.81
N MET A 14 23.27 -3.06 10.87
CA MET A 14 22.29 -4.12 11.14
C MET A 14 22.91 -5.48 10.88
N LEU A 15 22.80 -6.37 11.87
CA LEU A 15 23.42 -7.70 11.81
C LEU A 15 22.35 -8.77 11.97
N PRO A 16 21.75 -9.24 10.89
CA PRO A 16 20.81 -10.35 10.99
C PRO A 16 21.55 -11.66 11.27
N TRP A 17 20.75 -12.61 11.76
CA TRP A 17 21.28 -13.97 11.83
C TRP A 17 21.38 -14.43 10.38
N LEU A 18 22.12 -15.48 10.14
CA LEU A 18 22.43 -15.91 8.75
C LEU A 18 21.29 -16.83 8.33
N GLY A 19 20.06 -16.32 8.24
CA GLY A 19 18.99 -17.17 7.76
C GLY A 19 18.26 -16.23 6.82
N TYR A 20 17.82 -16.76 5.67
CA TYR A 20 17.16 -15.91 4.68
C TYR A 20 15.95 -15.19 5.25
N GLY A 21 15.20 -15.85 6.13
CA GLY A 21 14.04 -15.19 6.72
C GLY A 21 14.45 -14.05 7.64
N HIS A 22 15.59 -14.20 8.30
CA HIS A 22 16.11 -13.12 9.18
C HIS A 22 16.59 -11.97 8.30
N LEU A 23 17.34 -12.28 7.23
CA LEU A 23 17.81 -11.24 6.28
C LEU A 23 16.60 -10.49 5.77
N SER A 24 15.54 -11.21 5.39
CA SER A 24 14.33 -10.58 4.82
C SER A 24 13.73 -9.57 5.80
N ALA A 25 13.47 -10.01 7.04
CA ALA A 25 12.86 -9.09 8.00
C ALA A 25 13.78 -7.92 8.32
N PHE A 26 15.08 -8.16 8.44
CA PHE A 26 16.02 -7.07 8.71
C PHE A 26 16.05 -6.09 7.54
N LEU A 27 15.91 -6.58 6.30
CA LEU A 27 15.94 -5.63 5.18
C LEU A 27 14.71 -4.74 5.17
N GLU A 28 13.53 -5.29 5.52
CA GLU A 28 12.33 -4.46 5.59
C GLU A 28 12.45 -3.43 6.71
N LEU A 29 13.08 -3.79 7.82
CA LEU A 29 13.29 -2.80 8.88
C LEU A 29 14.30 -1.75 8.45
N ALA A 30 15.33 -2.16 7.68
CA ALA A 30 16.28 -1.20 7.15
C ALA A 30 15.60 -0.18 6.25
N LYS A 31 14.67 -0.64 5.40
CA LYS A 31 13.94 0.30 4.55
C LYS A 31 13.17 1.30 5.40
N SER A 32 12.52 0.83 6.47
CA SER A 32 11.74 1.75 7.31
C SER A 32 12.64 2.80 7.93
N LEU A 33 13.85 2.41 8.32
CA LEU A 33 14.78 3.34 8.93
C LEU A 33 15.39 4.29 7.88
N SER A 34 15.66 3.78 6.68
CA SER A 34 16.11 4.66 5.60
C SER A 34 15.09 5.74 5.31
N ARG A 35 13.79 5.40 5.42
CA ARG A 35 12.77 6.42 5.15
C ARG A 35 12.72 7.48 6.23
N ARG A 36 13.23 7.17 7.42
N ARG A 36 13.23 7.17 7.42
CA ARG A 36 13.37 8.16 8.48
CA ARG A 36 13.39 8.15 8.50
C ARG A 36 14.74 8.83 8.48
C ARG A 36 14.75 8.81 8.48
N ASN A 37 15.47 8.74 7.36
CA ASN A 37 16.73 9.46 7.12
C ASN A 37 17.92 8.91 7.91
N PHE A 38 17.85 7.67 8.36
CA PHE A 38 19.04 6.98 8.82
C PHE A 38 19.83 6.43 7.64
N HIS A 39 21.14 6.32 7.82
CA HIS A 39 22.00 5.58 6.89
C HIS A 39 22.26 4.21 7.49
N ILE A 40 22.08 3.17 6.67
CA ILE A 40 22.13 1.78 7.13
C ILE A 40 23.33 1.08 6.50
N TYR A 41 24.12 0.44 7.34
CA TYR A 41 25.07 -0.58 6.95
C TYR A 41 24.44 -1.94 7.21
N PHE A 42 24.21 -2.71 6.15
CA PHE A 42 23.55 -4.01 6.24
C PHE A 42 24.61 -5.10 6.13
N CYS A 43 24.84 -5.84 7.22
CA CYS A 43 26.03 -6.68 7.36
C CYS A 43 25.65 -8.15 7.37
N SER A 44 26.16 -8.92 6.40
CA SER A 44 26.00 -10.37 6.45
C SER A 44 27.05 -11.00 5.55
N THR A 45 27.00 -12.34 5.48
CA THR A 45 27.91 -13.06 4.61
C THR A 45 27.54 -12.82 3.16
N SER A 46 28.54 -12.98 2.28
CA SER A 46 28.33 -12.64 0.88
C SER A 46 27.20 -13.45 0.27
N VAL A 47 27.08 -14.73 0.65
CA VAL A 47 26.06 -15.56 0.04
C VAL A 47 24.67 -15.07 0.42
N ASN A 48 24.53 -14.52 1.63
CA ASN A 48 23.26 -13.97 2.07
C ASN A 48 23.01 -12.59 1.47
N LEU A 49 24.05 -11.76 1.36
CA LEU A 49 23.90 -10.47 0.67
C LEU A 49 23.47 -10.68 -0.77
N ASP A 50 24.04 -11.68 -1.44
CA ASP A 50 23.64 -11.94 -2.82
C ASP A 50 22.18 -12.36 -2.89
N ALA A 51 21.71 -13.10 -1.90
CA ALA A 51 20.37 -13.66 -1.94
C ALA A 51 19.32 -12.58 -1.71
N ILE A 52 19.65 -11.58 -0.90
CA ILE A 52 18.65 -10.59 -0.51
C ILE A 52 18.70 -9.33 -1.37
N LYS A 53 19.79 -9.08 -2.08
CA LYS A 53 19.92 -7.88 -2.90
C LYS A 53 18.77 -7.66 -3.89
N PRO A 54 18.19 -8.71 -4.52
CA PRO A 54 17.05 -8.48 -5.42
C PRO A 54 15.82 -7.87 -4.75
N LYS A 55 15.75 -7.96 -3.43
CA LYS A 55 14.63 -7.38 -2.69
C LYS A 55 14.88 -5.92 -2.28
N LEU A 56 15.99 -5.31 -2.70
CA LEU A 56 16.26 -3.92 -2.36
C LEU A 56 16.08 -3.04 -3.59
N PRO A 57 15.04 -2.22 -3.65
CA PRO A 57 14.88 -1.33 -4.80
C PRO A 57 16.09 -0.41 -4.92
N SER A 58 16.40 -0.02 -6.16
CA SER A 58 17.60 0.77 -6.38
CA SER A 58 17.60 0.78 -6.37
C SER A 58 17.53 2.12 -5.66
N SER A 59 16.33 2.61 -5.37
CA SER A 59 16.19 3.92 -4.74
C SER A 59 16.78 3.92 -3.33
N PHE A 60 16.89 2.75 -2.70
CA PHE A 60 17.44 2.65 -1.37
C PHE A 60 18.96 2.56 -1.34
N SER A 61 19.64 2.34 -2.48
CA SER A 61 21.04 1.97 -2.38
C SER A 61 21.91 3.11 -1.88
N ASP A 62 21.44 4.34 -2.02
CA ASP A 62 22.20 5.47 -1.52
C ASP A 62 22.27 5.47 0.00
N SER A 63 21.29 4.85 0.66
CA SER A 63 21.16 4.92 2.11
C SER A 63 21.22 3.57 2.79
N ILE A 64 21.23 2.48 2.04
CA ILE A 64 21.33 1.13 2.60
C ILE A 64 22.50 0.47 1.87
N GLN A 65 23.63 0.37 2.54
CA GLN A 65 24.85 -0.17 1.95
C GLN A 65 25.14 -1.54 2.56
N PHE A 66 25.51 -2.47 1.69
CA PHE A 66 25.84 -3.83 2.11
C PHE A 66 27.31 -3.92 2.53
N VAL A 67 27.56 -4.66 3.61
CA VAL A 67 28.89 -4.79 4.20
C VAL A 67 29.12 -6.28 4.44
N GLU A 68 30.15 -6.84 3.82
CA GLU A 68 30.38 -8.28 3.91
C GLU A 68 31.08 -8.65 5.21
N LEU A 69 30.48 -9.59 5.93
CA LEU A 69 31.08 -10.24 7.07
C LEU A 69 31.71 -11.54 6.61
N HIS A 70 32.93 -11.81 7.08
CA HIS A 70 33.65 -13.02 6.71
C HIS A 70 33.65 -14.02 7.86
N LEU A 71 33.21 -15.22 7.57
CA LEU A 71 33.33 -16.39 8.43
C LEU A 71 34.54 -17.17 8.03
N PRO A 72 35.14 -17.91 8.96
CA PRO A 72 36.19 -18.87 8.58
C PRO A 72 35.72 -19.78 7.45
N SER A 73 36.61 -20.01 6.48
CA SER A 73 36.30 -20.74 5.27
C SER A 73 37.26 -21.92 5.11
N SER A 74 36.76 -22.99 4.49
CA SER A 74 37.56 -24.15 4.17
C SER A 74 36.93 -24.83 2.96
N PRO A 75 37.69 -25.65 2.23
CA PRO A 75 37.06 -26.39 1.11
C PRO A 75 35.87 -27.22 1.54
N GLU A 76 35.85 -27.70 2.79
CA GLU A 76 34.72 -28.46 3.28
C GLU A 76 33.59 -27.58 3.83
N PHE A 77 33.86 -26.29 4.01
CA PHE A 77 32.82 -25.34 4.48
C PHE A 77 33.09 -23.99 3.82
N PRO A 78 32.85 -23.89 2.50
CA PRO A 78 33.16 -22.67 1.76
C PRO A 78 32.10 -21.57 1.92
N PRO A 79 32.36 -20.33 1.43
CA PRO A 79 31.44 -19.21 1.61
C PRO A 79 30.00 -19.39 1.12
N HIS A 80 29.80 -20.19 0.06
CA HIS A 80 28.42 -20.44 -0.42
C HIS A 80 27.57 -21.19 0.62
N LEU A 81 28.20 -21.83 1.60
CA LEU A 81 27.44 -22.53 2.66
C LEU A 81 27.31 -21.66 3.92
N HIS A 82 27.71 -20.39 3.85
CA HIS A 82 27.66 -19.61 5.08
C HIS A 82 26.28 -18.97 5.24
N THR A 83 25.27 -19.83 5.24
CA THR A 83 23.87 -19.45 5.35
C THR A 83 23.10 -20.70 5.77
N THR A 84 21.93 -20.48 6.38
CA THR A 84 21.05 -21.62 6.60
C THR A 84 20.28 -22.00 5.35
N ASN A 85 20.31 -21.16 4.31
CA ASN A 85 19.44 -21.35 3.16
C ASN A 85 19.86 -22.59 2.37
N GLY A 86 19.07 -23.66 2.44
CA GLY A 86 19.44 -24.88 1.73
C GLY A 86 20.68 -25.53 2.28
N LEU A 87 20.91 -25.39 3.58
CA LEU A 87 22.06 -25.96 4.25
C LEU A 87 21.73 -27.34 4.77
N PRO A 88 22.57 -28.35 4.57
CA PRO A 88 22.37 -29.62 5.26
C PRO A 88 22.26 -29.39 6.75
N PRO A 89 21.21 -29.92 7.41
CA PRO A 89 21.03 -29.63 8.83
C PRO A 89 22.19 -30.07 9.70
N THR A 90 22.97 -31.07 9.25
CA THR A 90 24.14 -31.48 10.00
C THR A 90 25.31 -30.51 9.87
N LEU A 91 25.21 -29.49 9.01
CA LEU A 91 26.18 -28.39 9.03
C LEU A 91 25.74 -27.22 9.91
N MET A 92 24.54 -27.27 10.51
CA MET A 92 24.10 -26.16 11.34
C MET A 92 25.01 -25.91 12.54
N PRO A 93 25.53 -26.93 13.26
CA PRO A 93 26.52 -26.64 14.32
C PRO A 93 27.74 -25.89 13.80
N ALA A 94 28.25 -26.25 12.63
CA ALA A 94 29.40 -25.54 12.08
C ALA A 94 29.05 -24.10 11.75
N LEU A 95 27.83 -23.87 11.24
CA LEU A 95 27.46 -22.50 10.88
C LEU A 95 27.43 -21.62 12.12
N HIS A 96 26.83 -22.12 13.22
CA HIS A 96 26.80 -21.33 14.45
C HIS A 96 28.20 -21.07 14.97
N GLN A 97 29.06 -22.09 14.91
CA GLN A 97 30.44 -21.94 15.40
C GLN A 97 31.21 -20.94 14.57
N ALA A 98 31.08 -21.03 13.24
CA ALA A 98 31.78 -20.09 12.37
C ALA A 98 31.28 -18.66 12.57
N PHE A 99 29.97 -18.50 12.81
CA PHE A 99 29.42 -17.17 13.04
C PHE A 99 30.01 -16.55 14.31
N SER A 100 30.13 -17.35 15.37
CA SER A 100 30.76 -16.84 16.60
C SER A 100 32.20 -16.45 16.34
N MET A 101 32.87 -17.14 15.41
CA MET A 101 34.25 -16.82 15.14
C MET A 101 34.41 -15.58 14.26
N ALA A 102 33.30 -15.04 13.75
CA ALA A 102 33.33 -13.80 12.99
C ALA A 102 33.37 -12.57 13.89
N ALA A 103 33.42 -12.75 15.21
CA ALA A 103 33.29 -11.59 16.09
C ALA A 103 34.46 -10.64 15.93
N GLN A 104 35.64 -11.16 15.60
CA GLN A 104 36.81 -10.31 15.39
C GLN A 104 36.66 -9.48 14.13
N HIS A 105 36.25 -10.10 13.04
CA HIS A 105 35.97 -9.31 11.85
C HIS A 105 34.88 -8.28 12.12
N PHE A 106 33.84 -8.69 12.85
CA PHE A 106 32.76 -7.76 13.21
C PHE A 106 33.28 -6.57 14.00
N GLU A 107 34.20 -6.81 14.94
CA GLU A 107 34.81 -5.70 15.67
C GLU A 107 35.55 -4.76 14.73
N SER A 108 36.31 -5.32 13.77
CA SER A 108 37.03 -4.47 12.82
C SER A 108 36.06 -3.63 12.00
N ILE A 109 34.93 -4.22 11.61
CA ILE A 109 33.94 -3.48 10.83
C ILE A 109 33.38 -2.33 11.65
N LEU A 110 33.02 -2.60 12.90
CA LEU A 110 32.47 -1.56 13.77
C LEU A 110 33.50 -0.48 14.06
N GLN A 111 34.78 -0.85 14.17
CA GLN A 111 35.81 0.17 14.40
C GLN A 111 35.97 1.06 13.19
N THR A 112 35.88 0.48 11.99
CA THR A 112 36.08 1.22 10.75
C THR A 112 34.89 2.11 10.42
N LEU A 113 33.67 1.57 10.54
CA LEU A 113 32.49 2.32 10.15
C LEU A 113 31.96 3.20 11.27
N ALA A 114 32.24 2.87 12.53
CA ALA A 114 31.78 3.59 13.71
C ALA A 114 30.32 4.02 13.59
N PRO A 115 29.40 3.07 13.43
CA PRO A 115 27.99 3.41 13.41
C PRO A 115 27.56 3.93 14.77
N HIS A 116 26.51 4.75 14.76
CA HIS A 116 25.96 5.27 16.00
C HIS A 116 25.12 4.23 16.73
N LEU A 117 24.68 3.20 16.05
CA LEU A 117 23.79 2.20 16.63
C LEU A 117 24.00 0.87 15.93
N LEU A 118 23.98 -0.20 16.71
CA LEU A 118 23.90 -1.57 16.22
C LEU A 118 22.49 -2.11 16.44
N ILE A 119 21.91 -2.74 15.43
CA ILE A 119 20.71 -3.55 15.61
C ILE A 119 21.08 -4.99 15.29
N TYR A 120 20.93 -5.89 16.28
CA TYR A 120 21.42 -7.26 16.14
C TYR A 120 20.31 -8.27 16.43
N ASP A 121 20.49 -9.47 15.85
CA ASP A 121 19.56 -10.59 15.94
C ASP A 121 19.88 -11.43 17.19
N SER A 122 19.04 -12.44 17.41
CA SER A 122 18.99 -13.17 18.66
C SER A 122 19.82 -14.44 18.66
N LEU A 123 20.67 -14.63 17.64
CA LEU A 123 21.53 -15.80 17.56
C LEU A 123 23.00 -15.45 17.70
N GLN A 124 23.33 -14.33 18.37
CA GLN A 124 24.70 -13.81 18.38
C GLN A 124 24.94 -13.01 19.65
N PRO A 125 25.05 -13.68 20.80
CA PRO A 125 25.34 -12.96 22.06
C PRO A 125 26.62 -12.15 22.00
N TRP A 126 27.58 -12.55 21.16
CA TRP A 126 28.82 -11.81 21.05
C TRP A 126 28.62 -10.43 20.45
N ALA A 127 27.54 -10.20 19.71
CA ALA A 127 27.41 -8.94 18.98
C ALA A 127 27.17 -7.76 19.92
N PRO A 128 26.22 -7.81 20.86
CA PRO A 128 26.10 -6.69 21.81
C PRO A 128 27.34 -6.49 22.66
N ARG A 129 28.12 -7.55 22.88
CA ARG A 129 29.37 -7.44 23.68
C ARG A 129 30.41 -6.64 22.90
N VAL A 130 30.58 -6.93 21.61
CA VAL A 130 31.51 -6.17 20.79
C VAL A 130 31.08 -4.71 20.72
N ALA A 131 29.77 -4.46 20.57
CA ALA A 131 29.30 -3.08 20.49
C ALA A 131 29.58 -2.35 21.80
N SER A 132 29.31 -3.01 22.92
CA SER A 132 29.52 -2.36 24.22
C SER A 132 30.99 -1.99 24.40
N SER A 133 31.89 -2.87 23.94
CA SER A 133 33.31 -2.62 24.11
C SER A 133 33.76 -1.40 23.32
N LEU A 134 33.06 -1.08 22.24
CA LEU A 134 33.33 0.10 21.43
C LEU A 134 32.45 1.29 21.77
N LYS A 135 31.64 1.18 22.83
CA LYS A 135 30.72 2.24 23.25
C LYS A 135 29.70 2.56 22.16
N ILE A 136 29.25 1.52 21.47
CA ILE A 136 28.19 1.64 20.46
C ILE A 136 26.92 1.06 21.05
N PRO A 137 25.87 1.86 21.25
CA PRO A 137 24.58 1.32 21.74
C PRO A 137 24.05 0.27 20.78
N ALA A 138 23.37 -0.72 21.34
CA ALA A 138 22.98 -1.91 20.60
C ALA A 138 21.59 -2.33 21.02
N ILE A 139 20.72 -2.54 20.04
CA ILE A 139 19.33 -2.94 20.26
C ILE A 139 19.08 -4.25 19.54
N ASN A 140 18.43 -5.17 20.23
CA ASN A 140 18.05 -6.47 19.68
C ASN A 140 16.76 -6.35 18.89
N PHE A 141 16.75 -6.94 17.68
CA PHE A 141 15.55 -7.05 16.83
C PHE A 141 15.26 -8.52 16.60
N ASN A 142 14.06 -8.94 16.99
CA ASN A 142 13.58 -10.30 16.76
C ASN A 142 12.69 -10.37 15.54
N THR A 143 13.05 -11.25 14.60
CA THR A 143 12.32 -11.39 13.36
C THR A 143 11.15 -12.35 13.47
N THR A 144 11.07 -13.08 14.58
CA THR A 144 9.93 -13.89 14.91
C THR A 144 8.85 -13.02 15.55
N GLY A 145 7.71 -13.65 15.88
CA GLY A 145 6.71 -13.03 16.73
C GLY A 145 6.99 -13.28 18.20
N VAL A 146 6.01 -12.93 19.02
CA VAL A 146 6.14 -12.92 20.48
C VAL A 146 5.66 -14.21 21.11
N PHE A 147 4.59 -14.80 20.55
CA PHE A 147 3.89 -15.92 21.19
C PHE A 147 4.85 -17.03 21.63
N GLY A 148 5.65 -17.52 20.68
CA GLY A 148 6.54 -18.63 20.99
C GLY A 148 7.61 -18.28 22.01
N ILE A 149 8.13 -17.05 21.94
CA ILE A 149 9.11 -16.60 22.93
C ILE A 149 8.49 -16.60 24.32
N SER A 150 7.28 -16.02 24.44
CA SER A 150 6.65 -15.97 25.76
C SER A 150 6.29 -17.37 26.25
N GLN A 151 5.90 -18.26 25.32
CA GLN A 151 5.64 -19.64 25.72
C GLN A 151 6.92 -20.33 26.20
N GLY A 152 8.08 -19.93 25.69
CA GLY A 152 9.32 -20.51 26.17
C GLY A 152 9.80 -19.94 27.49
N LEU A 153 9.53 -18.66 27.73
CA LEU A 153 9.95 -18.04 28.99
C LEU A 153 9.00 -18.35 30.14
N HIS A 154 7.71 -18.53 29.86
CA HIS A 154 6.74 -18.73 30.92
C HIS A 154 7.08 -19.87 31.87
N PRO A 155 7.45 -21.07 31.41
CA PRO A 155 7.69 -22.18 32.36
C PRO A 155 8.94 -21.99 33.18
N ILE A 156 9.85 -21.12 32.76
CA ILE A 156 11.01 -20.78 33.58
C ILE A 156 10.56 -20.14 34.88
N HIS A 157 9.52 -19.31 34.82
CA HIS A 157 9.02 -18.59 35.98
C HIS A 157 7.82 -19.27 36.64
N TYR A 158 7.04 -20.03 35.88
CA TYR A 158 5.81 -20.66 36.37
C TYR A 158 5.78 -22.10 35.89
N PRO A 159 6.65 -22.95 36.43
CA PRO A 159 6.74 -24.33 35.93
C PRO A 159 5.50 -25.17 36.22
N HIS A 160 4.59 -24.72 37.08
CA HIS A 160 3.44 -25.53 37.44
C HIS A 160 2.11 -24.83 37.17
N SER A 161 2.16 -23.83 36.29
CA SER A 161 0.95 -23.06 35.91
C SER A 161 0.85 -23.08 34.38
N LYS A 162 -0.36 -23.14 33.85
CA LYS A 162 -0.57 -23.12 32.38
C LYS A 162 -0.28 -21.71 31.89
N PHE A 163 0.15 -21.59 30.64
CA PHE A 163 0.36 -20.25 30.05
C PHE A 163 -0.97 -19.53 30.18
N PRO A 164 -0.99 -18.30 30.72
CA PRO A 164 -2.25 -17.62 31.04
C PRO A 164 -3.16 -17.04 29.96
N PHE A 165 -2.63 -16.70 28.79
CA PHE A 165 -3.46 -15.94 27.81
C PHE A 165 -3.80 -16.75 26.56
N SER A 166 -3.69 -18.08 26.60
CA SER A 166 -4.07 -18.92 25.43
C SER A 166 -4.59 -20.31 25.83
N GLU A 167 -5.28 -20.99 24.91
CA GLU A 167 -5.71 -22.39 25.12
C GLU A 167 -4.80 -23.32 24.32
N PHE A 168 -3.72 -22.77 23.76
CA PHE A 168 -2.79 -23.56 22.93
C PHE A 168 -2.09 -24.63 23.76
N VAL A 169 -2.02 -25.84 23.20
CA VAL A 169 -1.25 -26.94 23.84
C VAL A 169 -0.20 -27.39 22.83
N LEU A 170 1.06 -27.36 23.23
CA LEU A 170 2.12 -27.84 22.34
C LEU A 170 2.05 -29.35 22.23
N HIS A 171 1.97 -29.84 21.00
CA HIS A 171 1.92 -31.27 20.74
C HIS A 171 3.19 -31.95 21.23
N ASN A 172 3.05 -33.22 21.67
CA ASN A 172 4.16 -33.94 22.27
C ASN A 172 5.36 -34.03 21.32
N HIS A 173 5.09 -34.09 20.01
CA HIS A 173 6.12 -34.17 18.99
C HIS A 173 7.21 -33.13 19.21
N TRP A 174 6.82 -31.92 19.59
CA TRP A 174 7.78 -30.85 19.82
C TRP A 174 8.23 -30.76 21.27
N LYS A 175 7.36 -31.11 22.21
CA LYS A 175 7.73 -31.06 23.63
C LYS A 175 8.86 -32.03 23.93
N ALA A 176 8.83 -33.22 23.34
CA ALA A 176 9.93 -34.17 23.46
C ALA A 176 11.19 -33.66 22.75
N SER A 185 21.04 -32.93 24.42
CA SER A 185 21.40 -32.86 25.86
C SER A 185 20.60 -31.76 26.55
N THR A 186 20.12 -32.04 27.76
CA THR A 186 19.33 -31.04 28.52
C THR A 186 20.22 -29.81 28.78
N GLU A 187 21.49 -30.03 29.12
CA GLU A 187 22.43 -28.91 29.40
C GLU A 187 22.64 -28.09 28.13
N ARG A 188 22.80 -28.77 27.00
CA ARG A 188 23.00 -28.08 25.70
C ARG A 188 21.76 -27.24 25.39
N THR A 189 20.58 -27.77 25.70
CA THR A 189 19.31 -27.03 25.47
C THR A 189 19.24 -25.80 26.37
N ARG A 190 19.65 -25.96 27.62
CA ARG A 190 19.61 -24.83 28.57
C ARG A 190 20.56 -23.76 28.04
N LYS A 191 21.73 -24.15 27.56
CA LYS A 191 22.71 -23.14 27.16
C LYS A 191 22.24 -22.41 25.89
N ARG A 192 21.57 -23.13 24.99
CA ARG A 192 21.00 -22.46 23.78
C ARG A 192 19.93 -21.47 24.20
N GLY A 193 19.08 -21.85 25.15
CA GLY A 193 18.04 -20.94 25.65
C GLY A 193 18.63 -19.73 26.33
N GLU A 194 19.73 -19.95 27.08
CA GLU A 194 20.38 -18.85 27.82
C GLU A 194 21.01 -17.88 26.80
N ALA A 195 21.60 -18.43 25.74
CA ALA A 195 22.18 -17.53 24.75
C ALA A 195 21.11 -16.71 24.05
N PHE A 196 19.98 -17.34 23.73
CA PHE A 196 18.89 -16.61 23.09
C PHE A 196 18.34 -15.55 24.02
N LEU A 197 18.03 -15.93 25.27
CA LEU A 197 17.47 -14.94 26.18
C LEU A 197 18.46 -13.82 26.45
N TYR A 198 19.77 -14.13 26.47
CA TYR A 198 20.77 -13.08 26.68
C TYR A 198 20.66 -12.01 25.61
N CYS A 199 20.49 -12.43 24.34
CA CYS A 199 20.39 -11.44 23.27
C CYS A 199 19.24 -10.46 23.52
N LEU A 200 18.11 -10.95 24.06
CA LEU A 200 17.01 -10.04 24.35
C LEU A 200 17.31 -9.20 25.58
N HIS A 201 17.75 -9.86 26.66
CA HIS A 201 18.01 -9.20 27.94
C HIS A 201 19.11 -8.15 27.82
N ALA A 202 20.13 -8.38 26.98
CA ALA A 202 21.25 -7.47 26.85
C ALA A 202 20.90 -6.22 26.04
N SER A 203 19.74 -6.22 25.39
CA SER A 203 19.39 -5.12 24.50
C SER A 203 19.28 -3.83 25.29
N CYS A 204 19.70 -2.73 24.67
CA CYS A 204 19.66 -1.45 25.35
C CYS A 204 18.24 -0.93 25.33
N SER A 205 17.59 -0.90 26.51
CA SER A 205 16.35 -0.21 26.82
C SER A 205 15.10 -0.86 26.24
N VAL A 206 15.16 -1.29 24.96
CA VAL A 206 13.99 -1.89 24.33
C VAL A 206 14.44 -3.08 23.51
N ILE A 207 13.50 -4.00 23.31
CA ILE A 207 13.58 -5.08 22.33
C ILE A 207 12.61 -4.77 21.20
N LEU A 208 13.10 -4.85 19.96
CA LEU A 208 12.22 -4.66 18.80
C LEU A 208 11.73 -6.02 18.34
N ILE A 209 10.46 -6.09 17.94
CA ILE A 209 9.91 -7.38 17.51
C ILE A 209 9.00 -7.20 16.32
N ASN A 210 9.08 -8.15 15.39
CA ASN A 210 8.30 -8.14 14.17
C ASN A 210 6.91 -8.71 14.46
N SER A 211 6.09 -7.88 15.09
CA SER A 211 4.72 -8.27 15.37
C SER A 211 3.85 -7.02 15.47
N PHE A 212 2.58 -7.22 15.82
CA PHE A 212 1.62 -6.13 15.93
C PHE A 212 0.57 -6.47 16.99
N ARG A 213 0.02 -5.43 17.61
CA ARG A 213 -0.74 -5.63 18.85
C ARG A 213 -2.07 -6.32 18.61
N GLU A 214 -2.68 -6.13 17.43
CA GLU A 214 -3.96 -6.79 17.18
C GLU A 214 -3.84 -8.30 17.26
N LEU A 215 -2.66 -8.84 16.96
CA LEU A 215 -2.43 -10.28 17.00
C LEU A 215 -1.80 -10.73 18.30
N GLU A 216 -0.85 -9.96 18.85
CA GLU A 216 -0.02 -10.48 19.93
C GLU A 216 0.14 -9.49 21.08
N GLY A 217 -0.72 -8.47 21.17
CA GLY A 217 -0.53 -7.43 22.18
C GLY A 217 -0.42 -7.99 23.59
N LYS A 218 -1.32 -8.92 23.95
CA LYS A 218 -1.29 -9.40 25.32
C LYS A 218 -0.08 -10.28 25.59
N TYR A 219 0.47 -10.92 24.55
CA TYR A 219 1.71 -11.68 24.71
C TYR A 219 2.93 -10.77 24.78
N MET A 220 2.90 -9.64 24.06
CA MET A 220 3.95 -8.63 24.19
C MET A 220 4.02 -8.11 25.61
N ASP A 221 2.87 -7.74 26.17
CA ASP A 221 2.87 -7.20 27.52
C ASP A 221 3.37 -8.24 28.51
N TYR A 222 2.97 -9.51 28.32
CA TYR A 222 3.42 -10.56 29.23
C TYR A 222 4.91 -10.77 29.13
N LEU A 223 5.43 -10.86 27.90
CA LEU A 223 6.88 -10.99 27.71
C LEU A 223 7.61 -9.83 28.35
N SER A 224 7.06 -8.62 28.22
CA SER A 224 7.72 -7.45 28.79
C SER A 224 7.83 -7.56 30.30
N VAL A 225 6.78 -8.08 30.95
CA VAL A 225 6.82 -8.23 32.40
C VAL A 225 7.81 -9.31 32.80
N LEU A 226 7.78 -10.45 32.09
CA LEU A 226 8.71 -11.54 32.40
C LEU A 226 10.17 -11.08 32.23
N LEU A 227 10.48 -10.39 31.14
CA LEU A 227 11.85 -9.92 30.93
C LEU A 227 12.17 -8.62 31.67
N ASN A 228 11.17 -7.92 32.19
CA ASN A 228 11.38 -6.58 32.74
C ASN A 228 12.09 -5.68 31.74
N LYS A 229 11.65 -5.74 30.49
CA LYS A 229 12.19 -4.90 29.44
C LYS A 229 11.08 -4.51 28.49
N LYS A 230 11.17 -3.28 27.97
CA LYS A 230 10.13 -2.75 27.07
C LYS A 230 10.20 -3.48 25.72
N VAL A 231 9.05 -3.99 25.27
CA VAL A 231 8.95 -4.66 23.98
C VAL A 231 8.26 -3.69 23.03
N VAL A 232 8.89 -3.41 21.89
CA VAL A 232 8.41 -2.41 20.95
C VAL A 232 8.09 -3.13 19.65
N PRO A 233 6.83 -3.22 19.25
CA PRO A 233 6.52 -3.87 17.97
C PRO A 233 6.86 -2.96 16.81
N VAL A 234 7.29 -3.57 15.70
CA VAL A 234 7.63 -2.82 14.50
C VAL A 234 6.98 -3.48 13.29
N GLY A 235 6.03 -4.39 13.52
CA GLY A 235 5.42 -5.13 12.43
C GLY A 235 4.02 -4.61 12.10
N PRO A 236 3.43 -5.14 11.02
CA PRO A 236 3.90 -6.15 10.06
C PRO A 236 5.04 -5.65 9.15
N LEU A 237 6.08 -6.47 8.99
CA LEU A 237 7.19 -6.24 8.04
C LEU A 237 7.04 -7.26 6.92
N VAL A 238 6.49 -6.81 5.80
CA VAL A 238 6.12 -7.69 4.70
C VAL A 238 6.69 -7.11 3.43
N TYR A 239 7.55 -7.86 2.78
CA TYR A 239 8.11 -7.46 1.49
C TYR A 239 7.07 -7.60 0.39
N GLU A 240 6.97 -6.57 -0.45
CA GLU A 240 6.14 -6.63 -1.63
C GLU A 240 6.93 -6.22 -2.87
N PRO A 241 7.03 -7.08 -3.89
CA PRO A 241 7.75 -6.69 -5.12
C PRO A 241 6.88 -5.85 -6.04
N ASN A 242 7.38 -5.60 -7.24
CA ASN A 242 6.56 -4.93 -8.28
C ASN A 242 6.34 -5.97 -9.37
N ASP A 247 12.25 -11.60 -13.85
CA ASP A 247 11.31 -12.74 -13.95
C ASP A 247 11.99 -14.00 -13.41
N GLU A 248 11.91 -14.23 -12.10
CA GLU A 248 12.49 -15.47 -11.54
C GLU A 248 11.46 -16.59 -11.72
N GLY A 249 11.10 -16.87 -12.98
CA GLY A 249 10.10 -17.91 -13.30
C GLY A 249 8.67 -17.41 -13.18
N TYR A 250 8.46 -16.14 -12.81
CA TYR A 250 7.05 -15.71 -12.56
C TYR A 250 6.17 -15.75 -13.82
N SER A 251 6.71 -15.37 -14.96
CA SER A 251 5.83 -15.24 -16.16
C SER A 251 5.14 -16.57 -16.47
N SER A 252 5.86 -17.68 -16.44
CA SER A 252 5.25 -19.01 -16.68
C SER A 252 4.22 -19.29 -15.58
N ILE A 253 4.60 -18.98 -14.34
CA ILE A 253 3.70 -19.30 -13.22
C ILE A 253 2.43 -18.47 -13.31
N LYS A 254 2.59 -17.18 -13.65
CA LYS A 254 1.44 -16.30 -13.80
C LYS A 254 0.51 -16.81 -14.87
N ASN A 255 1.06 -17.20 -16.03
CA ASN A 255 0.21 -17.68 -17.11
C ASN A 255 -0.56 -18.92 -16.69
N TRP A 256 0.06 -19.78 -15.87
CA TRP A 256 -0.61 -20.97 -15.36
C TRP A 256 -1.69 -20.60 -14.36
N LEU A 257 -1.36 -19.70 -13.41
CA LEU A 257 -2.36 -19.23 -12.44
C LEU A 257 -3.51 -18.51 -13.11
N ASP A 258 -3.21 -17.74 -14.17
CA ASP A 258 -4.25 -16.97 -14.85
C ASP A 258 -5.34 -17.86 -15.43
N LYS A 259 -5.03 -19.14 -15.66
CA LYS A 259 -5.98 -20.06 -16.28
C LYS A 259 -6.75 -20.86 -15.25
N LYS A 260 -6.56 -20.59 -13.96
CA LYS A 260 -7.32 -21.23 -12.90
C LYS A 260 -8.54 -20.37 -12.53
N GLU A 261 -9.43 -20.97 -11.74
CA GLU A 261 -10.57 -20.28 -11.16
C GLU A 261 -10.11 -19.45 -9.95
N PRO A 262 -10.89 -18.43 -9.59
CA PRO A 262 -10.54 -17.61 -8.41
C PRO A 262 -10.40 -18.45 -7.16
N SER A 263 -9.36 -18.15 -6.37
CA SER A 263 -9.15 -18.73 -5.05
C SER A 263 -9.24 -20.25 -5.08
N SER A 264 -8.65 -20.86 -6.13
CA SER A 264 -8.74 -22.30 -6.35
C SER A 264 -7.44 -23.04 -6.07
N THR A 265 -6.35 -22.32 -5.81
CA THR A 265 -5.02 -22.87 -5.80
C THR A 265 -4.37 -22.67 -4.44
N VAL A 266 -3.62 -23.67 -3.98
CA VAL A 266 -2.78 -23.51 -2.80
C VAL A 266 -1.34 -23.43 -3.23
N PHE A 267 -0.62 -22.53 -2.60
CA PHE A 267 0.84 -22.49 -2.61
C PHE A 267 1.31 -23.38 -1.47
N VAL A 268 2.37 -24.14 -1.70
CA VAL A 268 2.90 -25.10 -0.73
C VAL A 268 4.39 -24.81 -0.59
N SER A 269 4.82 -24.49 0.63
CA SER A 269 6.23 -24.18 0.81
C SER A 269 6.62 -24.43 2.26
N PHE A 270 7.82 -24.91 2.45
CA PHE A 270 8.33 -25.12 3.80
C PHE A 270 9.54 -24.23 4.09
N GLY A 271 9.62 -23.08 3.44
CA GLY A 271 10.59 -22.07 3.80
C GLY A 271 11.96 -22.33 3.20
N SER A 272 12.94 -21.66 3.80
CA SER A 272 14.29 -21.60 3.24
C SER A 272 15.26 -22.54 3.94
N GLU A 273 14.90 -23.11 5.08
CA GLU A 273 15.88 -23.86 5.85
C GLU A 273 15.26 -25.14 6.39
N TYR A 274 14.42 -25.80 5.60
CA TYR A 274 13.90 -27.09 6.02
C TYR A 274 13.64 -27.96 4.79
N PHE A 275 14.03 -29.22 4.89
CA PHE A 275 13.74 -30.20 3.86
C PHE A 275 12.85 -31.28 4.46
N PRO A 276 11.57 -31.37 4.09
CA PRO A 276 10.73 -32.43 4.65
C PRO A 276 11.24 -33.79 4.23
N SER A 277 11.09 -34.75 5.15
CA SER A 277 11.46 -36.13 4.90
C SER A 277 10.58 -36.72 3.82
N LYS A 278 11.07 -37.82 3.22
CA LYS A 278 10.28 -38.52 2.21
C LYS A 278 8.92 -38.90 2.77
N GLU A 279 8.88 -39.33 4.04
CA GLU A 279 7.63 -39.69 4.69
C GLU A 279 6.68 -38.50 4.79
N GLU A 280 7.21 -37.32 5.16
CA GLU A 280 6.38 -36.11 5.23
C GLU A 280 5.89 -35.68 3.86
N MET A 281 6.77 -35.75 2.85
CA MET A 281 6.38 -35.41 1.48
C MET A 281 5.31 -36.35 0.96
N GLU A 282 5.38 -37.64 1.34
CA GLU A 282 4.35 -38.60 0.97
C GLU A 282 2.97 -38.16 1.47
N GLU A 283 2.89 -37.73 2.74
CA GLU A 283 1.61 -37.39 3.34
C GLU A 283 1.05 -36.09 2.75
N ILE A 284 1.92 -35.11 2.54
CA ILE A 284 1.49 -33.85 1.93
C ILE A 284 1.01 -34.09 0.51
N ALA A 285 1.77 -34.87 -0.27
CA ALA A 285 1.39 -35.14 -1.65
C ALA A 285 0.05 -35.85 -1.74
N HIS A 286 -0.14 -36.90 -0.94
CA HIS A 286 -1.41 -37.60 -0.99
C HIS A 286 -2.55 -36.72 -0.48
N GLY A 287 -2.28 -35.85 0.48
CA GLY A 287 -3.30 -34.91 0.92
C GLY A 287 -3.70 -33.95 -0.19
N LEU A 288 -2.71 -33.44 -0.93
CA LEU A 288 -3.01 -32.57 -2.07
C LEU A 288 -3.79 -33.30 -3.12
N GLU A 289 -3.45 -34.58 -3.38
CA GLU A 289 -4.13 -35.33 -4.42
C GLU A 289 -5.59 -35.57 -4.06
N ALA A 290 -5.84 -36.08 -2.84
CA ALA A 290 -7.21 -36.37 -2.43
C ALA A 290 -8.08 -35.11 -2.43
N SER A 291 -7.48 -33.94 -2.14
CA SER A 291 -8.25 -32.71 -2.09
C SER A 291 -8.69 -32.24 -3.47
N GLU A 292 -8.02 -32.67 -4.53
CA GLU A 292 -8.26 -32.26 -5.91
C GLU A 292 -8.04 -30.76 -6.14
N VAL A 293 -7.33 -30.11 -5.24
CA VAL A 293 -7.04 -28.68 -5.39
C VAL A 293 -5.99 -28.47 -6.48
N ASN A 294 -5.96 -27.25 -7.03
CA ASN A 294 -4.79 -26.82 -7.79
C ASN A 294 -3.68 -26.49 -6.81
N PHE A 295 -2.43 -26.79 -7.19
CA PHE A 295 -1.33 -26.48 -6.27
C PHE A 295 -0.05 -26.12 -7.01
N ILE A 296 0.69 -25.20 -6.39
CA ILE A 296 2.08 -24.91 -6.73
C ILE A 296 2.91 -25.26 -5.51
N TRP A 297 3.85 -26.19 -5.68
CA TRP A 297 4.63 -26.73 -4.56
C TRP A 297 6.11 -26.52 -4.83
N VAL A 298 6.78 -25.84 -3.91
CA VAL A 298 8.22 -25.61 -3.99
C VAL A 298 8.93 -26.78 -3.33
N VAL A 299 9.70 -27.51 -4.12
CA VAL A 299 10.45 -28.67 -3.65
C VAL A 299 11.92 -28.32 -3.77
N ARG A 300 12.64 -28.59 -2.69
CA ARG A 300 14.05 -28.19 -2.63
C ARG A 300 14.91 -29.39 -2.25
N PHE A 301 16.19 -29.33 -2.62
CA PHE A 301 17.16 -30.40 -2.29
C PHE A 301 18.40 -29.71 -1.73
N PRO A 302 19.18 -30.35 -0.83
CA PRO A 302 20.28 -29.65 -0.19
C PRO A 302 21.41 -29.16 -1.09
N GLU A 311 17.80 -36.45 -6.73
CA GLU A 311 16.73 -37.32 -6.13
C GLU A 311 15.30 -36.76 -6.24
N ASP A 312 14.27 -37.63 -6.19
CA ASP A 312 12.84 -37.21 -6.23
C ASP A 312 12.11 -37.86 -5.05
N ALA A 313 11.52 -37.07 -4.17
CA ALA A 313 10.89 -37.61 -2.94
C ALA A 313 9.38 -37.60 -3.06
N LEU A 314 8.86 -37.30 -4.24
CA LEU A 314 7.39 -37.37 -4.45
C LEU A 314 6.96 -38.80 -4.72
N PRO A 315 5.75 -39.20 -4.29
CA PRO A 315 5.25 -40.53 -4.56
C PRO A 315 5.25 -40.80 -6.06
N LYS A 316 5.42 -42.06 -6.44
CA LYS A 316 5.46 -42.43 -7.88
C LYS A 316 4.11 -42.09 -8.52
N GLY A 317 4.14 -41.36 -9.64
CA GLY A 317 2.92 -41.03 -10.41
C GLY A 317 2.12 -39.85 -9.89
N PHE A 318 2.54 -39.23 -8.79
CA PHE A 318 1.73 -38.16 -8.18
C PHE A 318 1.53 -36.97 -9.13
N LEU A 319 2.62 -36.50 -9.72
CA LEU A 319 2.54 -35.33 -10.63
C LEU A 319 1.78 -35.72 -11.89
N GLU A 320 2.05 -36.92 -12.39
CA GLU A 320 1.37 -37.38 -13.63
C GLU A 320 -0.14 -37.47 -13.38
N ARG A 321 -0.54 -37.97 -12.21
CA ARG A 321 -1.97 -38.02 -11.91
C ARG A 321 -2.54 -36.62 -11.70
N ALA A 322 -1.79 -35.73 -11.03
CA ALA A 322 -2.27 -34.36 -10.82
C ALA A 322 -2.51 -33.64 -12.14
N GLY A 323 -1.71 -33.95 -13.16
CA GLY A 323 -1.91 -33.32 -14.45
C GLY A 323 -1.77 -31.81 -14.34
N GLU A 324 -2.68 -31.10 -15.00
CA GLU A 324 -2.54 -29.65 -15.03
C GLU A 324 -2.97 -28.99 -13.71
N ARG A 325 -3.54 -29.75 -12.77
CA ARG A 325 -3.89 -29.19 -11.47
C ARG A 325 -2.64 -28.85 -10.66
N GLY A 326 -1.53 -29.52 -10.96
CA GLY A 326 -0.35 -29.47 -10.13
C GLY A 326 0.85 -28.89 -10.84
N MET A 327 1.68 -28.18 -10.07
CA MET A 327 2.93 -27.62 -10.53
C MET A 327 3.95 -27.73 -9.42
N VAL A 328 5.09 -28.33 -9.71
CA VAL A 328 6.22 -28.35 -8.80
C VAL A 328 7.26 -27.36 -9.32
N VAL A 329 7.62 -26.41 -8.47
CA VAL A 329 8.69 -25.46 -8.73
C VAL A 329 9.91 -25.92 -7.97
N LYS A 330 11.01 -26.16 -8.68
CA LYS A 330 12.24 -26.63 -8.04
C LYS A 330 12.99 -25.43 -7.46
N GLY A 331 13.41 -25.56 -6.20
CA GLY A 331 14.36 -24.65 -5.59
C GLY A 331 13.80 -23.41 -4.94
N TRP A 332 13.09 -22.57 -5.70
CA TRP A 332 12.68 -21.26 -5.22
C TRP A 332 11.55 -20.74 -6.11
N ALA A 333 10.56 -20.13 -5.48
CA ALA A 333 9.41 -19.56 -6.17
C ALA A 333 9.19 -18.13 -5.73
N PRO A 334 8.50 -17.32 -6.56
CA PRO A 334 8.13 -15.96 -6.13
C PRO A 334 6.91 -15.98 -5.22
N GLN A 335 7.16 -16.26 -3.94
CA GLN A 335 6.10 -16.57 -2.99
C GLN A 335 5.11 -15.41 -2.86
N ALA A 336 5.62 -14.18 -2.79
CA ALA A 336 4.72 -13.04 -2.59
C ALA A 336 3.82 -12.85 -3.80
N LYS A 337 4.38 -12.88 -5.01
CA LYS A 337 3.53 -12.72 -6.20
C LYS A 337 2.49 -13.82 -6.30
N ILE A 338 2.87 -15.06 -5.97
CA ILE A 338 1.90 -16.16 -6.00
C ILE A 338 0.81 -15.94 -4.95
N LEU A 339 1.20 -15.59 -3.72
CA LEU A 339 0.16 -15.41 -2.70
C LEU A 339 -0.79 -14.28 -3.05
N LYS A 340 -0.34 -13.28 -3.80
CA LYS A 340 -1.22 -12.16 -4.15
C LYS A 340 -2.10 -12.45 -5.36
N HIS A 341 -1.86 -13.57 -6.06
CA HIS A 341 -2.63 -13.83 -7.26
C HIS A 341 -4.07 -14.18 -6.91
N TRP A 342 -5.00 -13.66 -7.73
CA TRP A 342 -6.43 -13.90 -7.54
C TRP A 342 -6.78 -15.38 -7.54
N SER A 343 -5.96 -16.22 -8.17
CA SER A 343 -6.26 -17.64 -8.22
C SER A 343 -5.84 -18.37 -6.96
N THR A 344 -5.17 -17.70 -6.04
CA THR A 344 -4.63 -18.40 -4.87
C THR A 344 -5.63 -18.31 -3.72
N GLY A 345 -6.02 -19.47 -3.19
CA GLY A 345 -7.07 -19.54 -2.20
C GLY A 345 -6.60 -20.01 -0.83
N GLY A 346 -5.35 -20.45 -0.75
CA GLY A 346 -4.84 -21.00 0.49
C GLY A 346 -3.34 -21.18 0.40
N PHE A 347 -2.72 -21.38 1.57
CA PHE A 347 -1.27 -21.45 1.68
C PHE A 347 -0.98 -22.60 2.64
N VAL A 348 -0.50 -23.72 2.11
CA VAL A 348 -0.02 -24.83 2.93
C VAL A 348 1.42 -24.49 3.34
N SER A 349 1.61 -24.14 4.61
CA SER A 349 2.82 -23.46 5.06
C SER A 349 3.41 -24.15 6.28
N HIS A 350 4.74 -24.18 6.32
CA HIS A 350 5.42 -24.56 7.56
C HIS A 350 5.24 -23.53 8.67
N CYS A 351 4.62 -22.38 8.36
CA CYS A 351 4.32 -21.36 9.37
C CYS A 351 5.58 -20.73 9.96
N GLY A 352 6.64 -20.65 9.17
CA GLY A 352 7.65 -19.64 9.40
C GLY A 352 7.00 -18.27 9.48
N TRP A 353 7.61 -17.38 10.28
CA TRP A 353 6.93 -16.13 10.66
C TRP A 353 6.77 -15.18 9.49
N ASN A 354 7.77 -15.07 8.62
CA ASN A 354 7.58 -14.20 7.45
C ASN A 354 6.47 -14.72 6.56
N SER A 355 6.37 -16.05 6.40
CA SER A 355 5.30 -16.61 5.58
C SER A 355 3.95 -16.37 6.22
N VAL A 356 3.88 -16.43 7.55
CA VAL A 356 2.62 -16.16 8.22
C VAL A 356 2.22 -14.70 8.04
N MET A 357 3.18 -13.78 8.21
CA MET A 357 2.87 -12.36 8.11
C MET A 357 2.47 -12.00 6.68
N GLU A 358 3.20 -12.55 5.69
CA GLU A 358 2.84 -12.36 4.30
C GLU A 358 1.43 -12.87 4.03
N SER A 359 1.13 -14.09 4.48
CA SER A 359 -0.20 -14.63 4.21
C SER A 359 -1.28 -13.78 4.85
N MET A 360 -1.01 -13.23 6.04
CA MET A 360 -2.03 -12.38 6.66
C MET A 360 -2.16 -11.07 5.92
N MET A 361 -1.04 -10.45 5.53
CA MET A 361 -1.10 -9.19 4.80
C MET A 361 -1.87 -9.37 3.49
N PHE A 362 -1.69 -10.51 2.84
CA PHE A 362 -2.26 -10.75 1.52
C PHE A 362 -3.64 -11.40 1.59
N GLY A 363 -4.14 -11.71 2.78
CA GLY A 363 -5.47 -12.26 2.92
C GLY A 363 -5.63 -13.71 2.52
N VAL A 364 -4.56 -14.49 2.56
CA VAL A 364 -4.60 -15.89 2.11
C VAL A 364 -4.69 -16.78 3.34
N PRO A 365 -5.76 -17.56 3.50
CA PRO A 365 -5.83 -18.47 4.65
C PRO A 365 -4.72 -19.50 4.64
N ILE A 366 -4.21 -19.77 5.83
CA ILE A 366 -3.10 -20.68 6.05
C ILE A 366 -3.64 -22.04 6.44
N ILE A 367 -3.08 -23.08 5.82
CA ILE A 367 -3.24 -24.46 6.26
C ILE A 367 -1.89 -24.86 6.83
N GLY A 368 -1.83 -24.90 8.16
CA GLY A 368 -0.55 -24.96 8.84
C GLY A 368 0.00 -26.36 8.92
N VAL A 369 1.21 -26.56 8.44
CA VAL A 369 1.93 -27.82 8.61
C VAL A 369 3.28 -27.47 9.21
N PRO A 370 3.33 -27.03 10.48
CA PRO A 370 4.59 -26.61 11.08
C PRO A 370 5.55 -27.77 11.23
N MET A 371 6.84 -27.46 11.21
CA MET A 371 7.88 -28.48 11.26
C MET A 371 8.70 -28.43 12.54
N HIS A 372 9.24 -27.28 12.92
CA HIS A 372 10.08 -27.21 14.12
C HIS A 372 10.25 -25.74 14.52
N VAL A 373 11.19 -25.49 15.44
CA VAL A 373 11.44 -24.20 16.11
C VAL A 373 10.16 -23.44 16.43
N ASP A 374 10.06 -22.17 16.01
CA ASP A 374 8.88 -21.40 16.40
C ASP A 374 7.63 -21.79 15.63
N GLN A 375 7.73 -22.65 14.61
CA GLN A 375 6.58 -22.90 13.74
C GLN A 375 5.36 -23.47 14.44
N PRO A 376 5.46 -24.44 15.36
CA PRO A 376 4.25 -24.95 16.01
C PRO A 376 3.53 -23.87 16.79
N PHE A 377 4.27 -22.95 17.40
CA PHE A 377 3.63 -21.84 18.10
C PHE A 377 2.98 -20.88 17.11
N ASN A 378 3.62 -20.63 15.97
CA ASN A 378 3.03 -19.75 14.97
C ASN A 378 1.74 -20.34 14.43
N ALA A 379 1.71 -21.67 14.22
CA ALA A 379 0.50 -22.31 13.72
C ALA A 379 -0.64 -22.20 14.72
N GLY A 380 -0.35 -22.39 16.01
CA GLY A 380 -1.39 -22.28 17.02
C GLY A 380 -1.91 -20.86 17.14
N LEU A 381 -1.04 -19.90 16.86
CA LEU A 381 -1.47 -18.50 16.91
C LEU A 381 -2.37 -18.19 15.73
N VAL A 382 -1.98 -18.68 14.56
CA VAL A 382 -2.80 -18.59 13.37
C VAL A 382 -4.17 -19.18 13.63
N GLU A 383 -4.22 -20.36 14.24
CA GLU A 383 -5.50 -21.06 14.46
C GLU A 383 -6.34 -20.27 15.47
N GLU A 384 -5.68 -19.77 16.50
CA GLU A 384 -6.40 -18.98 17.49
C GLU A 384 -6.78 -17.59 17.00
N ALA A 385 -6.12 -17.04 15.96
CA ALA A 385 -6.59 -15.81 15.34
C ALA A 385 -7.78 -16.04 14.41
N GLY A 386 -8.07 -17.31 14.08
CA GLY A 386 -9.12 -17.63 13.14
C GLY A 386 -8.80 -17.43 11.69
N VAL A 387 -7.55 -17.07 11.34
CA VAL A 387 -7.21 -16.75 9.96
C VAL A 387 -6.65 -17.94 9.23
N GLY A 388 -6.53 -19.08 9.90
CA GLY A 388 -6.13 -20.28 9.22
C GLY A 388 -6.41 -21.45 10.14
N VAL A 389 -5.96 -22.62 9.69
CA VAL A 389 -6.21 -23.88 10.39
C VAL A 389 -4.89 -24.61 10.50
N GLU A 390 -4.80 -25.54 11.45
CA GLU A 390 -3.59 -26.34 11.62
C GLU A 390 -3.90 -27.81 11.34
N ALA A 391 -3.13 -28.41 10.44
CA ALA A 391 -3.22 -29.86 10.25
C ALA A 391 -2.51 -30.54 11.40
N LYS A 392 -3.25 -31.32 12.18
CA LYS A 392 -2.73 -31.93 13.40
C LYS A 392 -1.93 -33.19 13.09
N ARG A 393 -0.89 -33.39 13.88
CA ARG A 393 -0.07 -34.60 13.74
C ARG A 393 -0.68 -35.73 14.56
N ASP A 394 -0.35 -36.96 14.15
CA ASP A 394 -0.68 -38.17 14.90
C ASP A 394 0.04 -38.18 16.25
N PRO A 395 -0.36 -39.07 17.15
CA PRO A 395 0.36 -39.19 18.43
C PRO A 395 1.85 -39.41 18.27
N ASP A 396 2.30 -40.19 17.28
CA ASP A 396 3.74 -40.36 17.18
C ASP A 396 4.42 -39.27 16.37
N GLY A 397 3.69 -38.19 16.04
CA GLY A 397 4.29 -37.04 15.38
C GLY A 397 4.24 -37.05 13.88
N LYS A 398 3.54 -38.00 13.27
CA LYS A 398 3.48 -38.08 11.81
C LYS A 398 2.40 -37.16 11.26
N ILE A 399 2.70 -36.56 10.10
CA ILE A 399 1.70 -35.79 9.37
C ILE A 399 0.64 -36.75 8.82
N GLN A 400 -0.59 -36.25 8.71
CA GLN A 400 -1.73 -37.08 8.29
C GLN A 400 -2.25 -36.58 6.96
N ARG A 401 -2.13 -37.41 5.93
CA ARG A 401 -2.66 -37.03 4.62
C ARG A 401 -4.15 -36.71 4.69
N ASP A 402 -4.90 -37.41 5.54
CA ASP A 402 -6.34 -37.15 5.62
C ASP A 402 -6.62 -35.78 6.20
N GLU A 403 -5.76 -35.31 7.09
CA GLU A 403 -5.96 -34.00 7.70
C GLU A 403 -5.59 -32.89 6.73
N VAL A 404 -4.52 -33.09 5.95
CA VAL A 404 -4.18 -32.14 4.90
C VAL A 404 -5.30 -32.05 3.87
N ALA A 405 -5.78 -33.20 3.40
CA ALA A 405 -6.87 -33.22 2.42
C ALA A 405 -8.12 -32.57 2.97
N LYS A 406 -8.51 -32.93 4.20
CA LYS A 406 -9.73 -32.37 4.79
C LYS A 406 -9.67 -30.85 4.85
N LEU A 407 -8.53 -30.30 5.30
CA LEU A 407 -8.47 -28.87 5.54
C LEU A 407 -8.39 -28.08 4.23
N ILE A 408 -7.71 -28.63 3.22
CA ILE A 408 -7.70 -27.98 1.90
C ILE A 408 -9.10 -28.02 1.29
N LYS A 409 -9.78 -29.16 1.44
CA LYS A 409 -11.16 -29.30 1.00
C LYS A 409 -12.04 -28.24 1.65
N GLU A 410 -11.98 -28.11 2.98
CA GLU A 410 -12.88 -27.18 3.68
C GLU A 410 -12.52 -25.73 3.39
N VAL A 411 -11.24 -25.40 3.39
CA VAL A 411 -10.85 -23.99 3.31
C VAL A 411 -10.81 -23.49 1.89
N VAL A 412 -10.42 -24.31 0.92
CA VAL A 412 -10.12 -23.85 -0.43
C VAL A 412 -11.08 -24.42 -1.47
N VAL A 413 -11.18 -25.75 -1.56
CA VAL A 413 -11.93 -26.35 -2.66
C VAL A 413 -13.42 -26.09 -2.50
N GLU A 414 -13.98 -26.49 -1.36
CA GLU A 414 -15.40 -26.29 -1.10
C GLU A 414 -15.72 -24.99 -0.38
N LYS A 415 -14.74 -24.40 0.31
CA LYS A 415 -14.92 -23.12 1.00
C LYS A 415 -16.06 -23.19 2.02
N THR A 416 -16.18 -24.32 2.70
CA THR A 416 -17.15 -24.42 3.79
C THR A 416 -16.67 -23.76 5.07
N ARG A 417 -15.40 -23.35 5.12
CA ARG A 417 -14.88 -22.55 6.25
C ARG A 417 -14.92 -21.07 5.88
N GLU A 418 -16.13 -20.59 5.63
CA GLU A 418 -16.31 -19.17 5.32
C GLU A 418 -15.78 -18.31 6.46
N ASP A 419 -15.89 -18.80 7.69
CA ASP A 419 -15.44 -18.01 8.83
C ASP A 419 -13.94 -17.74 8.75
N VAL A 420 -13.16 -18.74 8.33
CA VAL A 420 -11.73 -18.53 8.19
C VAL A 420 -11.42 -17.54 7.07
N ARG A 421 -12.12 -17.67 5.94
CA ARG A 421 -11.86 -16.75 4.83
C ARG A 421 -12.23 -15.32 5.21
N LYS A 422 -13.33 -15.14 5.95
CA LYS A 422 -13.73 -13.81 6.41
C LYS A 422 -12.71 -13.23 7.38
N LYS A 423 -12.28 -14.03 8.36
CA LYS A 423 -11.29 -13.54 9.32
C LYS A 423 -9.99 -13.17 8.60
N ALA A 424 -9.60 -13.96 7.59
CA ALA A 424 -8.38 -13.65 6.86
C ALA A 424 -8.52 -12.36 6.08
N ARG A 425 -9.71 -12.10 5.50
CA ARG A 425 -9.96 -10.83 4.84
C ARG A 425 -9.89 -9.68 5.83
N GLU A 426 -10.47 -9.86 7.02
CA GLU A 426 -10.52 -8.78 8.00
C GLU A 426 -9.13 -8.45 8.51
N MET A 427 -8.29 -9.48 8.69
CA MET A 427 -6.91 -9.25 9.11
C MET A 427 -6.14 -8.51 8.03
N SER A 428 -6.32 -8.91 6.76
CA SER A 428 -5.67 -8.20 5.66
C SER A 428 -6.08 -6.73 5.66
N GLU A 429 -7.36 -6.45 5.95
CA GLU A 429 -7.81 -5.05 5.99
C GLU A 429 -7.11 -4.28 7.10
N ILE A 430 -7.01 -4.88 8.29
CA ILE A 430 -6.29 -4.22 9.38
C ILE A 430 -4.84 -3.99 8.99
N LEU A 431 -4.18 -5.01 8.42
CA LEU A 431 -2.75 -4.87 8.14
C LEU A 431 -2.49 -3.88 7.01
N ARG A 432 -3.42 -3.79 6.05
CA ARG A 432 -3.27 -2.85 4.95
C ARG A 432 -3.48 -1.40 5.38
N SER A 433 -4.23 -1.16 6.46
CA SER A 433 -4.44 0.19 6.96
C SER A 433 -3.24 0.73 7.72
N LYS A 434 -2.24 -0.09 8.03
CA LYS A 434 -1.08 0.38 8.75
C LYS A 434 -0.13 1.10 7.83
N GLY A 435 0.54 2.11 8.37
CA GLY A 435 1.49 2.89 7.62
C GLY A 435 2.78 3.13 8.37
N GLU A 436 3.35 4.30 8.10
CA GLU A 436 4.69 4.63 8.63
C GLU A 436 4.66 4.77 10.15
N GLU A 437 3.49 4.98 10.67
CA GLU A 437 3.37 5.22 12.09
C GLU A 437 3.75 3.99 12.90
N LYS A 438 3.74 2.81 12.28
CA LYS A 438 4.14 1.62 13.03
C LYS A 438 5.60 1.67 13.46
N PHE A 439 6.40 2.57 12.90
CA PHE A 439 7.81 2.72 13.28
C PHE A 439 8.07 3.91 14.21
N ASP A 440 7.03 4.65 14.58
CA ASP A 440 7.22 5.85 15.41
C ASP A 440 7.86 5.50 16.75
N GLU A 441 7.40 4.42 17.37
CA GLU A 441 7.88 4.09 18.72
C GLU A 441 9.36 3.70 18.69
N MET A 442 9.74 2.86 17.72
CA MET A 442 11.15 2.50 17.54
C MET A 442 12.00 3.73 17.33
N VAL A 443 11.56 4.63 16.44
CA VAL A 443 12.38 5.79 16.12
C VAL A 443 12.56 6.67 17.35
N ALA A 444 11.51 6.81 18.17
CA ALA A 444 11.61 7.61 19.39
C ALA A 444 12.58 6.99 20.39
N GLU A 445 12.52 5.66 20.54
CA GLU A 445 13.42 4.99 21.48
C GLU A 445 14.87 5.07 20.99
N ILE A 446 15.09 4.97 19.68
CA ILE A 446 16.44 5.14 19.16
C ILE A 446 16.93 6.55 19.46
N SER A 447 16.09 7.55 19.22
CA SER A 447 16.48 8.92 19.46
C SER A 447 16.86 9.14 20.92
N LEU A 448 16.03 8.64 21.84
CA LEU A 448 16.33 8.81 23.26
C LEU A 448 17.62 8.08 23.64
N LEU A 449 17.76 6.83 23.21
CA LEU A 449 18.95 6.06 23.58
C LEU A 449 20.22 6.76 23.12
N LEU A 450 20.22 7.28 21.88
CA LEU A 450 21.42 7.94 21.38
C LEU A 450 21.69 9.26 22.09
N LYS A 451 20.64 9.97 22.51
CA LYS A 451 20.86 11.22 23.23
C LYS A 451 21.38 10.97 24.62
N ILE A 452 20.95 9.88 25.25
CA ILE A 452 21.46 9.54 26.57
C ILE A 452 22.91 9.09 26.49
N GLU A 453 23.22 8.17 25.55
CA GLU A 453 24.61 7.57 25.45
C GLU A 453 25.64 8.59 24.94
N HIS A 454 25.22 9.57 24.15
CA HIS A 454 26.14 10.66 23.74
C HIS A 454 26.60 11.38 25.01
N HIS A 455 25.69 11.60 25.97
CA HIS A 455 26.10 12.22 27.25
C HIS A 455 27.10 11.32 27.99
N HIS A 456 26.86 10.01 28.03
CA HIS A 456 27.70 9.07 28.81
C HIS A 456 29.10 8.92 28.17
N THR B 9 18.26 22.39 2.34
CA THR B 9 17.02 21.74 1.92
C THR B 9 16.39 22.51 0.76
N THR B 10 16.01 21.78 -0.28
CA THR B 10 15.30 22.37 -1.41
C THR B 10 13.85 22.62 -1.03
N THR B 11 13.37 23.84 -1.27
CA THR B 11 12.01 24.22 -0.89
C THR B 11 11.14 24.41 -2.12
N ILE B 12 9.89 23.99 -2.01
CA ILE B 12 8.90 24.10 -3.07
C ILE B 12 7.67 24.74 -2.50
N LEU B 13 7.17 25.80 -3.13
CA LEU B 13 5.87 26.33 -2.79
C LEU B 13 4.86 25.81 -3.80
N MET B 14 3.70 25.36 -3.30
CA MET B 14 2.68 24.75 -4.15
C MET B 14 1.41 25.58 -4.06
N LEU B 15 0.82 25.88 -5.22
CA LEU B 15 -0.34 26.77 -5.28
C LEU B 15 -1.45 26.08 -6.07
N PRO B 16 -2.31 25.32 -5.42
CA PRO B 16 -3.47 24.77 -6.12
C PRO B 16 -4.48 25.86 -6.46
N TRP B 17 -5.41 25.54 -7.37
CA TRP B 17 -6.53 26.48 -7.62
C TRP B 17 -7.45 26.34 -6.41
N LEU B 18 -8.39 27.26 -6.18
CA LEU B 18 -9.21 27.19 -4.94
C LEU B 18 -10.35 26.18 -5.11
N GLY B 19 -10.01 24.90 -5.33
CA GLY B 19 -11.02 23.84 -5.43
C GLY B 19 -10.62 22.64 -4.59
N TYR B 20 -11.56 22.02 -3.87
CA TYR B 20 -11.21 20.90 -2.96
C TYR B 20 -10.43 19.82 -3.73
N GLY B 21 -10.94 19.41 -4.90
CA GLY B 21 -10.28 18.36 -5.67
C GLY B 21 -8.87 18.74 -6.05
N HIS B 22 -8.64 20.02 -6.35
CA HIS B 22 -7.31 20.48 -6.69
C HIS B 22 -6.41 20.48 -5.47
N LEU B 23 -6.95 20.93 -4.34
CA LEU B 23 -6.16 20.90 -3.07
C LEU B 23 -5.79 19.44 -2.76
N SER B 24 -6.74 18.53 -2.96
CA SER B 24 -6.51 17.13 -2.58
C SER B 24 -5.36 16.54 -3.38
N ALA B 25 -5.40 16.72 -4.70
CA ALA B 25 -4.33 16.19 -5.53
C ALA B 25 -3.01 16.88 -5.22
N PHE B 26 -3.03 18.20 -5.03
CA PHE B 26 -1.79 18.90 -4.68
C PHE B 26 -1.23 18.40 -3.36
N LEU B 27 -2.10 18.09 -2.39
CA LEU B 27 -1.58 17.62 -1.10
C LEU B 27 -0.93 16.25 -1.26
N GLU B 28 -1.51 15.37 -2.07
CA GLU B 28 -0.88 14.07 -2.26
C GLU B 28 0.46 14.20 -2.96
N LEU B 29 0.56 15.13 -3.93
CA LEU B 29 1.86 15.39 -4.55
C LEU B 29 2.84 15.97 -3.53
N ALA B 30 2.37 16.84 -2.65
CA ALA B 30 3.25 17.39 -1.62
C ALA B 30 3.82 16.29 -0.74
N LYS B 31 2.98 15.31 -0.36
CA LYS B 31 3.48 14.18 0.41
C LYS B 31 4.59 13.45 -0.33
N SER B 32 4.39 13.21 -1.64
CA SER B 32 5.41 12.48 -2.40
C SER B 32 6.73 13.25 -2.43
N LEU B 33 6.67 14.58 -2.54
CA LEU B 33 7.89 15.36 -2.54
C LEU B 33 8.53 15.42 -1.16
N SER B 34 7.71 15.54 -0.11
CA SER B 34 8.24 15.48 1.25
C SER B 34 9.00 14.17 1.48
N ARG B 35 8.49 13.06 0.92
CA ARG B 35 9.20 11.79 1.07
C ARG B 35 10.53 11.78 0.33
N ARG B 36 10.72 12.68 -0.64
CA ARG B 36 12.01 12.83 -1.31
C ARG B 36 12.84 13.96 -0.73
N ASN B 37 12.49 14.39 0.48
CA ASN B 37 13.27 15.31 1.31
C ASN B 37 13.20 16.77 0.84
N PHE B 38 12.21 17.10 0.02
CA PHE B 38 11.85 18.49 -0.19
C PHE B 38 11.07 19.03 1.00
N HIS B 39 11.21 20.33 1.23
CA HIS B 39 10.36 21.08 2.16
C HIS B 39 9.31 21.81 1.36
N ILE B 40 8.05 21.70 1.78
CA ILE B 40 6.90 22.18 1.03
C ILE B 40 6.21 23.32 1.79
N TYR B 41 5.99 24.44 1.11
CA TYR B 41 5.03 25.45 1.52
C TYR B 41 3.78 25.23 0.71
N PHE B 42 2.67 24.92 1.40
CA PHE B 42 1.40 24.60 0.75
C PHE B 42 0.47 25.81 0.92
N CYS B 43 0.19 26.50 -0.18
CA CYS B 43 -0.36 27.85 -0.13
C CYS B 43 -1.79 27.86 -0.64
N SER B 44 -2.74 28.29 0.20
CA SER B 44 -4.11 28.44 -0.27
C SER B 44 -4.86 29.36 0.69
N THR B 45 -6.13 29.57 0.39
CA THR B 45 -6.97 30.38 1.27
C THR B 45 -7.26 29.61 2.56
N SER B 46 -7.61 30.36 3.61
CA SER B 46 -7.75 29.73 4.92
C SER B 46 -8.86 28.69 4.94
N VAL B 47 -9.97 28.96 4.22
CA VAL B 47 -11.06 28.00 4.23
C VAL B 47 -10.66 26.71 3.54
N ASN B 48 -9.81 26.79 2.50
CA ASN B 48 -9.30 25.58 1.88
C ASN B 48 -8.25 24.91 2.75
N LEU B 49 -7.37 25.68 3.39
CA LEU B 49 -6.39 25.05 4.29
C LEU B 49 -7.09 24.33 5.43
N ASP B 50 -8.14 24.93 5.98
CA ASP B 50 -8.88 24.27 7.06
C ASP B 50 -9.49 22.95 6.59
N ALA B 51 -9.93 22.92 5.33
CA ALA B 51 -10.61 21.72 4.80
C ALA B 51 -9.64 20.60 4.53
N ILE B 52 -8.39 20.92 4.20
CA ILE B 52 -7.45 19.91 3.77
C ILE B 52 -6.51 19.44 4.88
N LYS B 53 -6.30 20.25 5.93
CA LYS B 53 -5.42 19.88 7.03
C LYS B 53 -5.72 18.52 7.66
N PRO B 54 -6.98 18.11 7.86
CA PRO B 54 -7.23 16.76 8.40
C PRO B 54 -6.68 15.64 7.52
N LYS B 55 -6.38 15.90 6.26
CA LYS B 55 -5.86 14.86 5.39
C LYS B 55 -4.33 14.79 5.43
N LEU B 56 -3.68 15.58 6.27
CA LEU B 56 -2.22 15.57 6.37
C LEU B 56 -1.81 14.89 7.68
N PRO B 57 -1.28 13.67 7.64
CA PRO B 57 -0.83 13.03 8.88
C PRO B 57 0.20 13.88 9.59
N SER B 58 0.23 13.78 10.92
CA SER B 58 1.05 14.70 11.69
C SER B 58 2.53 14.52 11.38
N SER B 59 2.93 13.35 10.89
CA SER B 59 4.34 13.12 10.61
C SER B 59 4.86 14.02 9.49
N PHE B 60 3.97 14.54 8.65
CA PHE B 60 4.38 15.41 7.56
C PHE B 60 4.54 16.86 7.98
N SER B 61 4.05 17.27 9.16
CA SER B 61 3.92 18.71 9.40
C SER B 61 5.26 19.39 9.51
N ASP B 62 6.30 18.62 9.80
CA ASP B 62 7.65 19.15 9.91
C ASP B 62 8.18 19.59 8.54
N SER B 63 7.72 18.94 7.47
CA SER B 63 8.20 19.21 6.12
C SER B 63 7.16 19.80 5.18
N ILE B 64 5.89 19.86 5.58
CA ILE B 64 4.82 20.43 4.76
C ILE B 64 4.12 21.47 5.63
N GLN B 65 4.35 22.75 5.32
CA GLN B 65 3.84 23.86 6.13
C GLN B 65 2.80 24.62 5.32
N PHE B 66 1.72 25.01 5.98
CA PHE B 66 0.64 25.70 5.30
C PHE B 66 0.84 27.21 5.38
N VAL B 67 0.56 27.88 4.26
CA VAL B 67 0.77 29.31 4.11
C VAL B 67 -0.52 29.92 3.61
N GLU B 68 -1.07 30.88 4.37
CA GLU B 68 -2.35 31.47 3.99
C GLU B 68 -2.19 32.53 2.90
N LEU B 69 -2.91 32.35 1.81
CA LEU B 69 -3.08 33.37 0.78
C LEU B 69 -4.38 34.13 1.06
N HIS B 70 -4.34 35.45 0.92
CA HIS B 70 -5.48 36.29 1.21
C HIS B 70 -6.08 36.79 -0.10
N LEU B 71 -7.38 36.56 -0.26
CA LEU B 71 -8.12 37.18 -1.34
CA LEU B 71 -8.12 37.17 -1.34
C LEU B 71 -8.81 38.42 -0.82
N PRO B 72 -9.14 39.36 -1.70
CA PRO B 72 -9.98 40.48 -1.28
C PRO B 72 -11.28 39.99 -0.64
N SER B 73 -11.66 40.63 0.47
CA SER B 73 -12.84 40.13 1.23
C SER B 73 -13.88 41.23 1.46
N SER B 74 -15.15 40.84 1.55
CA SER B 74 -16.25 41.80 1.81
C SER B 74 -17.33 41.05 2.58
N PRO B 75 -18.31 41.70 3.23
CA PRO B 75 -19.40 40.98 3.88
C PRO B 75 -20.16 40.14 2.84
N GLU B 76 -20.28 40.64 1.60
CA GLU B 76 -20.99 39.91 0.52
C GLU B 76 -20.13 38.75 -0.01
N PHE B 77 -18.80 38.84 0.13
CA PHE B 77 -17.92 37.71 -0.29
C PHE B 77 -16.86 37.47 0.79
N PRO B 78 -17.22 36.86 1.94
CA PRO B 78 -16.30 36.66 3.06
C PRO B 78 -15.30 35.50 2.88
N PRO B 79 -14.20 35.45 3.66
CA PRO B 79 -13.20 34.39 3.54
C PRO B 79 -13.77 32.97 3.45
N HIS B 80 -14.86 32.69 4.18
CA HIS B 80 -15.41 31.31 4.18
C HIS B 80 -15.91 30.89 2.79
N LEU B 81 -16.08 31.85 1.88
CA LEU B 81 -16.58 31.55 0.51
C LEU B 81 -15.41 31.58 -0.49
N HIS B 82 -14.18 31.67 0.02
CA HIS B 82 -13.01 31.74 -0.89
C HIS B 82 -12.61 30.34 -1.35
N THR B 83 -13.59 29.61 -1.86
CA THR B 83 -13.38 28.23 -2.34
C THR B 83 -14.56 27.87 -3.26
N THR B 84 -14.39 26.90 -4.15
CA THR B 84 -15.49 26.41 -5.02
C THR B 84 -16.32 25.37 -4.26
N ASN B 85 -15.81 24.93 -3.12
CA ASN B 85 -16.47 23.89 -2.31
C ASN B 85 -17.82 24.40 -1.79
N GLY B 86 -18.90 23.92 -2.38
CA GLY B 86 -20.24 24.35 -1.92
C GLY B 86 -20.57 25.76 -2.37
N LEU B 87 -19.72 26.35 -3.21
CA LEU B 87 -19.93 27.75 -3.64
C LEU B 87 -21.11 27.83 -4.61
N PRO B 88 -22.03 28.81 -4.48
CA PRO B 88 -23.09 28.98 -5.45
C PRO B 88 -22.40 29.25 -6.80
N PRO B 89 -22.86 28.65 -7.92
CA PRO B 89 -22.20 28.82 -9.21
C PRO B 89 -22.15 30.30 -9.62
N THR B 90 -23.12 31.09 -9.18
CA THR B 90 -23.18 32.54 -9.50
C THR B 90 -21.93 33.25 -8.96
N LEU B 91 -21.32 32.76 -7.87
CA LEU B 91 -20.16 33.46 -7.26
C LEU B 91 -18.82 32.96 -7.85
N MET B 92 -18.85 32.01 -8.79
CA MET B 92 -17.59 31.57 -9.45
C MET B 92 -16.90 32.75 -10.16
N PRO B 93 -17.55 33.63 -10.96
CA PRO B 93 -16.84 34.77 -11.55
C PRO B 93 -16.09 35.60 -10.48
N ALA B 94 -16.77 35.87 -9.38
CA ALA B 94 -16.11 36.60 -8.28
C ALA B 94 -14.88 35.85 -7.74
N LEU B 95 -15.01 34.53 -7.60
CA LEU B 95 -13.89 33.76 -7.02
C LEU B 95 -12.66 33.88 -7.94
N HIS B 96 -12.86 33.65 -9.23
CA HIS B 96 -11.74 33.75 -10.18
C HIS B 96 -11.11 35.15 -10.15
N GLN B 97 -11.96 36.17 -10.12
CA GLN B 97 -11.48 37.58 -10.08
C GLN B 97 -10.70 37.84 -8.79
N ALA B 98 -11.25 37.37 -7.68
CA ALA B 98 -10.58 37.59 -6.38
C ALA B 98 -9.21 36.88 -6.36
N PHE B 99 -9.16 35.68 -6.95
CA PHE B 99 -7.89 34.91 -6.97
C PHE B 99 -6.84 35.68 -7.77
N SER B 100 -7.25 36.27 -8.89
CA SER B 100 -6.31 37.07 -9.71
C SER B 100 -5.77 38.24 -8.88
N MET B 101 -6.62 38.79 -8.02
CA MET B 101 -6.24 39.97 -7.21
C MET B 101 -5.34 39.57 -6.03
N ALA B 102 -5.15 38.27 -5.81
CA ALA B 102 -4.22 37.79 -4.76
C ALA B 102 -2.77 37.76 -5.27
N ALA B 103 -2.52 38.20 -6.51
CA ALA B 103 -1.16 38.14 -7.10
C ALA B 103 -0.15 38.94 -6.28
N GLN B 104 -0.57 40.07 -5.76
CA GLN B 104 0.35 40.92 -4.99
C GLN B 104 0.72 40.22 -3.69
N HIS B 105 -0.28 39.68 -3.00
CA HIS B 105 0.03 38.91 -1.76
C HIS B 105 0.95 37.74 -2.09
N PHE B 106 0.64 37.04 -3.18
CA PHE B 106 1.48 35.89 -3.60
C PHE B 106 2.93 36.33 -3.82
N GLU B 107 3.11 37.47 -4.49
CA GLU B 107 4.48 38.00 -4.69
C GLU B 107 5.15 38.21 -3.33
N SER B 108 4.44 38.83 -2.39
CA SER B 108 5.05 39.12 -1.07
C SER B 108 5.43 37.79 -0.40
N ILE B 109 4.59 36.79 -0.55
CA ILE B 109 4.88 35.45 0.05
C ILE B 109 6.14 34.87 -0.59
N LEU B 110 6.20 34.89 -1.92
CA LEU B 110 7.38 34.33 -2.63
C LEU B 110 8.65 35.13 -2.28
N GLN B 111 8.56 36.45 -2.19
CA GLN B 111 9.74 37.27 -1.81
C GLN B 111 10.19 36.89 -0.39
N THR B 112 9.25 36.64 0.52
CA THR B 112 9.60 36.35 1.93
C THR B 112 10.13 34.92 2.09
N LEU B 113 9.50 33.96 1.44
CA LEU B 113 9.89 32.55 1.68
C LEU B 113 10.99 32.12 0.70
N ALA B 114 11.12 32.83 -0.42
CA ALA B 114 12.14 32.54 -1.44
C ALA B 114 12.27 31.03 -1.71
N PRO B 115 11.20 30.37 -2.18
CA PRO B 115 11.29 28.99 -2.49
C PRO B 115 12.15 28.77 -3.74
N HIS B 116 12.71 27.57 -3.84
CA HIS B 116 13.56 27.25 -5.00
C HIS B 116 12.67 26.92 -6.20
N LEU B 117 11.43 26.53 -5.95
CA LEU B 117 10.53 26.13 -7.04
C LEU B 117 9.07 26.42 -6.70
N LEU B 118 8.31 26.79 -7.74
CA LEU B 118 6.85 26.95 -7.59
C LEU B 118 6.16 25.85 -8.40
N ILE B 119 5.23 25.14 -7.78
CA ILE B 119 4.35 24.20 -8.53
C ILE B 119 2.97 24.85 -8.51
N TYR B 120 2.43 25.19 -9.68
CA TYR B 120 1.15 25.95 -9.74
C TYR B 120 0.09 25.22 -10.56
N ASP B 121 -1.18 25.57 -10.33
CA ASP B 121 -2.33 24.93 -11.03
C ASP B 121 -2.63 25.67 -12.35
N SER B 122 -3.61 25.17 -13.12
CA SER B 122 -3.88 25.74 -14.46
C SER B 122 -5.03 26.75 -14.47
N LEU B 123 -5.33 27.39 -13.33
CA LEU B 123 -6.37 28.43 -13.27
C LEU B 123 -5.74 29.73 -12.74
N GLN B 124 -4.44 29.92 -12.97
CA GLN B 124 -3.72 31.09 -12.41
C GLN B 124 -2.56 31.50 -13.32
N PRO B 125 -2.84 32.10 -14.50
CA PRO B 125 -1.78 32.51 -15.41
C PRO B 125 -0.79 33.47 -14.74
N TRP B 126 -1.27 34.25 -13.77
CA TRP B 126 -0.43 35.24 -13.06
C TRP B 126 0.67 34.57 -12.23
N ALA B 127 0.43 33.33 -11.76
CA ALA B 127 1.39 32.67 -10.85
C ALA B 127 2.79 32.46 -11.48
N PRO B 128 2.94 31.83 -12.68
CA PRO B 128 4.25 31.69 -13.28
C PRO B 128 4.90 33.05 -13.55
N ARG B 129 4.09 34.05 -13.94
CA ARG B 129 4.63 35.40 -14.21
C ARG B 129 5.24 36.00 -12.94
N VAL B 130 4.57 35.86 -11.79
CA VAL B 130 5.13 36.38 -10.51
C VAL B 130 6.44 35.63 -10.21
N ALA B 131 6.44 34.31 -10.41
CA ALA B 131 7.64 33.50 -10.09
C ALA B 131 8.80 33.92 -10.99
N SER B 132 8.55 34.12 -12.29
CA SER B 132 9.64 34.47 -13.24
C SER B 132 10.20 35.84 -12.87
N SER B 133 9.34 36.75 -12.41
CA SER B 133 9.78 38.10 -12.01
C SER B 133 10.75 38.02 -10.84
N LEU B 134 10.67 36.96 -10.03
CA LEU B 134 11.54 36.79 -8.84
C LEU B 134 12.63 35.75 -9.13
N LYS B 135 12.78 35.33 -10.37
CA LYS B 135 13.81 34.34 -10.77
C LYS B 135 13.54 33.00 -10.04
N ILE B 136 12.27 32.66 -9.84
CA ILE B 136 11.88 31.36 -9.23
C ILE B 136 11.33 30.46 -10.33
N PRO B 137 11.98 29.33 -10.62
CA PRO B 137 11.49 28.40 -11.61
C PRO B 137 10.09 27.90 -11.22
N ALA B 138 9.26 27.62 -12.23
CA ALA B 138 7.85 27.26 -11.97
C ALA B 138 7.38 26.14 -12.90
N ILE B 139 6.71 25.14 -12.32
CA ILE B 139 6.19 23.98 -13.09
C ILE B 139 4.69 23.89 -12.87
N ASN B 140 3.98 23.64 -13.95
CA ASN B 140 2.52 23.48 -13.89
C ASN B 140 2.19 22.04 -13.48
N PHE B 141 1.26 21.90 -12.54
CA PHE B 141 0.76 20.56 -12.16
C PHE B 141 -0.75 20.55 -12.46
N ASN B 142 -1.17 19.66 -13.35
CA ASN B 142 -2.61 19.48 -13.64
C ASN B 142 -3.17 18.35 -12.79
N THR B 143 -4.27 18.62 -12.10
CA THR B 143 -4.88 17.63 -11.17
C THR B 143 -5.88 16.79 -11.93
N THR B 144 -6.17 17.18 -13.16
CA THR B 144 -7.08 16.43 -14.03
C THR B 144 -6.26 15.43 -14.85
N GLY B 145 -6.93 14.72 -15.74
CA GLY B 145 -6.23 13.81 -16.64
C GLY B 145 -5.90 14.47 -17.96
N VAL B 146 -5.48 13.67 -18.92
CA VAL B 146 -4.96 14.22 -20.21
C VAL B 146 -6.05 14.15 -21.29
N PHE B 147 -6.87 13.11 -21.27
CA PHE B 147 -7.86 12.89 -22.35
C PHE B 147 -8.65 14.17 -22.67
N GLY B 148 -9.31 14.74 -21.69
CA GLY B 148 -10.13 15.94 -21.93
C GLY B 148 -9.32 17.11 -22.46
N ILE B 149 -8.11 17.28 -21.91
CA ILE B 149 -7.22 18.38 -22.38
C ILE B 149 -6.87 18.13 -23.86
N SER B 150 -6.45 16.91 -24.15
CA SER B 150 -6.07 16.55 -25.55
C SER B 150 -7.27 16.72 -26.49
N GLN B 151 -8.47 16.41 -26.00
CA GLN B 151 -9.69 16.58 -26.81
C GLN B 151 -9.96 18.06 -27.08
N GLY B 152 -9.64 18.91 -26.12
CA GLY B 152 -9.80 20.35 -26.33
C GLY B 152 -8.74 20.96 -27.23
N LEU B 153 -7.51 20.44 -27.21
CA LEU B 153 -6.43 21.08 -28.02
C LEU B 153 -6.47 20.56 -29.47
N HIS B 154 -6.84 19.29 -29.64
CA HIS B 154 -6.87 18.68 -30.99
C HIS B 154 -7.57 19.57 -32.03
N PRO B 155 -8.85 20.03 -31.86
CA PRO B 155 -9.55 20.77 -32.92
C PRO B 155 -8.89 22.13 -33.24
N ILE B 156 -8.10 22.65 -32.31
CA ILE B 156 -7.36 23.92 -32.60
C ILE B 156 -6.40 23.64 -33.75
N HIS B 157 -5.79 22.46 -33.76
CA HIS B 157 -4.79 22.12 -34.79
C HIS B 157 -5.43 21.33 -35.94
N TYR B 158 -6.45 20.55 -35.63
CA TYR B 158 -7.11 19.70 -36.65
C TYR B 158 -8.63 19.89 -36.60
N PRO B 159 -9.17 21.02 -37.11
CA PRO B 159 -10.61 21.32 -37.03
C PRO B 159 -11.46 20.30 -37.80
N HIS B 160 -10.99 19.84 -38.96
CA HIS B 160 -11.82 18.94 -39.82
C HIS B 160 -11.48 17.46 -39.58
N SER B 161 -10.58 17.17 -38.64
CA SER B 161 -10.14 15.76 -38.42
C SER B 161 -10.71 15.24 -37.11
N LYS B 162 -11.10 13.96 -37.09
CA LYS B 162 -11.60 13.33 -35.83
C LYS B 162 -10.41 13.10 -34.90
N PHE B 163 -10.66 13.15 -33.59
CA PHE B 163 -9.59 12.81 -32.61
C PHE B 163 -9.11 11.42 -32.99
N PRO B 164 -7.81 11.25 -33.26
CA PRO B 164 -7.34 9.98 -33.80
C PRO B 164 -7.11 8.78 -32.88
N PHE B 165 -7.20 8.96 -31.56
CA PHE B 165 -6.80 7.84 -30.68
C PHE B 165 -7.96 7.36 -29.80
N SER B 166 -9.21 7.65 -30.17
CA SER B 166 -10.37 7.13 -29.41
C SER B 166 -11.61 7.01 -30.29
N GLU B 167 -12.59 6.23 -29.85
CA GLU B 167 -13.87 6.11 -30.59
C GLU B 167 -14.91 6.94 -29.82
N PHE B 168 -14.46 7.64 -28.77
CA PHE B 168 -15.37 8.47 -27.93
C PHE B 168 -16.07 9.56 -28.76
N VAL B 169 -17.36 9.68 -28.54
CA VAL B 169 -18.12 10.79 -29.16
C VAL B 169 -18.69 11.63 -28.02
N LEU B 170 -18.42 12.92 -28.01
CA LEU B 170 -19.04 13.81 -27.00
C LEU B 170 -20.51 14.02 -27.37
N HIS B 171 -21.40 13.70 -26.45
CA HIS B 171 -22.85 13.94 -26.66
C HIS B 171 -23.07 15.41 -27.05
N ASN B 172 -24.05 15.65 -27.91
CA ASN B 172 -24.39 17.01 -28.37
C ASN B 172 -24.72 17.94 -27.21
N HIS B 173 -25.26 17.41 -26.11
CA HIS B 173 -25.56 18.24 -24.91
C HIS B 173 -24.33 19.06 -24.52
N TRP B 174 -23.16 18.45 -24.57
CA TRP B 174 -21.92 19.16 -24.16
C TRP B 174 -21.31 19.87 -25.37
N LYS B 175 -21.43 19.28 -26.56
CA LYS B 175 -20.90 19.90 -27.81
C LYS B 175 -21.48 21.30 -27.94
N ALA B 176 -22.64 21.55 -27.34
CA ALA B 176 -23.28 22.88 -27.36
C ALA B 176 -22.69 23.74 -26.26
N GLU B 187 -15.10 33.60 -27.58
CA GLU B 187 -14.78 34.99 -27.22
C GLU B 187 -14.26 34.98 -25.79
N ARG B 188 -15.17 35.07 -24.82
CA ARG B 188 -14.77 34.88 -23.41
C ARG B 188 -14.31 33.43 -23.31
N THR B 189 -14.98 32.53 -24.03
CA THR B 189 -14.58 31.09 -24.04
C THR B 189 -13.16 31.00 -24.60
N ARG B 190 -12.89 31.74 -25.68
CA ARG B 190 -11.55 31.69 -26.28
C ARG B 190 -10.55 32.17 -25.23
N LYS B 191 -10.87 33.24 -24.51
CA LYS B 191 -9.93 33.78 -23.51
C LYS B 191 -9.68 32.79 -22.36
N ARG B 192 -10.73 32.11 -21.89
CA ARG B 192 -10.56 31.11 -20.82
C ARG B 192 -9.67 29.97 -21.32
N GLY B 193 -9.87 29.55 -22.56
CA GLY B 193 -9.03 28.49 -23.13
C GLY B 193 -7.58 28.94 -23.25
N GLU B 194 -7.39 30.21 -23.62
CA GLU B 194 -6.03 30.75 -23.79
C GLU B 194 -5.32 30.80 -22.45
N ALA B 195 -6.06 31.19 -21.40
CA ALA B 195 -5.45 31.29 -20.07
C ALA B 195 -5.06 29.89 -19.56
N PHE B 196 -5.95 28.92 -19.77
CA PHE B 196 -5.67 27.53 -19.33
C PHE B 196 -4.42 27.02 -20.06
N LEU B 197 -4.45 27.13 -21.38
CA LEU B 197 -3.31 26.63 -22.18
C LEU B 197 -2.03 27.39 -21.82
N TYR B 198 -2.15 28.67 -21.48
CA TYR B 198 -0.94 29.45 -21.08
C TYR B 198 -0.27 28.80 -19.86
N CYS B 199 -1.08 28.41 -18.89
CA CYS B 199 -0.50 27.80 -17.67
C CYS B 199 0.35 26.58 -18.03
N LEU B 200 -0.17 25.75 -18.95
CA LEU B 200 0.59 24.55 -19.36
C LEU B 200 1.82 25.00 -20.18
N HIS B 201 1.60 25.85 -21.17
CA HIS B 201 2.67 26.30 -22.09
C HIS B 201 3.79 27.04 -21.35
N ALA B 202 3.44 27.82 -20.35
CA ALA B 202 4.45 28.64 -19.64
C ALA B 202 5.28 27.78 -18.70
N SER B 203 4.84 26.55 -18.45
CA SER B 203 5.57 25.67 -17.51
C SER B 203 7.03 25.48 -17.92
N CYS B 204 7.91 25.49 -16.94
CA CYS B 204 9.34 25.32 -17.21
C CYS B 204 9.66 23.87 -17.53
N SER B 205 9.97 23.57 -18.79
CA SER B 205 10.46 22.24 -19.25
C SER B 205 9.42 21.14 -19.28
N VAL B 206 8.63 21.01 -18.23
CA VAL B 206 7.68 19.88 -18.16
C VAL B 206 6.34 20.30 -17.61
N ILE B 207 5.31 19.55 -17.94
CA ILE B 207 3.98 19.71 -17.33
C ILE B 207 3.79 18.44 -16.50
N LEU B 208 3.44 18.59 -15.23
CA LEU B 208 3.12 17.43 -14.39
C LEU B 208 1.61 17.15 -14.49
N ILE B 209 1.27 15.88 -14.58
CA ILE B 209 -0.16 15.52 -14.73
C ILE B 209 -0.52 14.34 -13.83
N ASN B 210 -1.68 14.43 -13.19
CA ASN B 210 -2.18 13.35 -12.31
C ASN B 210 -2.76 12.25 -13.19
N SER B 211 -1.91 11.50 -13.86
CA SER B 211 -2.43 10.36 -14.64
C SER B 211 -1.37 9.25 -14.72
N PHE B 212 -1.66 8.22 -15.48
CA PHE B 212 -0.75 7.06 -15.61
C PHE B 212 -0.84 6.50 -17.03
N ARG B 213 0.28 6.01 -17.53
CA ARG B 213 0.36 5.56 -18.95
C ARG B 213 -0.60 4.40 -19.29
N GLU B 214 -0.91 3.53 -18.33
CA GLU B 214 -1.77 2.37 -18.68
C GLU B 214 -3.16 2.86 -19.09
N LEU B 215 -3.55 4.03 -18.64
CA LEU B 215 -4.88 4.57 -18.98
C LEU B 215 -4.78 5.64 -20.06
N GLU B 216 -3.75 6.50 -20.02
CA GLU B 216 -3.74 7.68 -20.95
C GLU B 216 -2.39 7.89 -21.67
N GLY B 217 -1.53 6.88 -21.74
CA GLY B 217 -0.20 7.07 -22.36
C GLY B 217 -0.23 7.67 -23.76
N LYS B 218 -1.06 7.12 -24.64
CA LYS B 218 -1.16 7.63 -26.03
C LYS B 218 -1.62 9.09 -26.02
N TYR B 219 -2.52 9.43 -25.10
CA TYR B 219 -3.04 10.81 -25.00
C TYR B 219 -1.95 11.76 -24.49
N MET B 220 -1.17 11.31 -23.51
CA MET B 220 -0.04 12.12 -23.01
C MET B 220 0.93 12.42 -24.15
N ASP B 221 1.24 11.40 -24.94
CA ASP B 221 2.21 11.58 -26.05
C ASP B 221 1.62 12.54 -27.09
N TYR B 222 0.34 12.42 -27.36
CA TYR B 222 -0.32 13.33 -28.33
C TYR B 222 -0.31 14.76 -27.79
N LEU B 223 -0.72 14.92 -26.53
CA LEU B 223 -0.70 16.26 -25.92
C LEU B 223 0.72 16.83 -25.97
N SER B 224 1.71 16.00 -25.69
CA SER B 224 3.12 16.48 -25.70
C SER B 224 3.49 17.01 -27.09
N VAL B 225 3.07 16.29 -28.13
CA VAL B 225 3.36 16.74 -29.52
C VAL B 225 2.61 18.05 -29.79
N LEU B 226 1.33 18.12 -29.44
CA LEU B 226 0.53 19.33 -29.74
C LEU B 226 1.11 20.55 -29.01
N LEU B 227 1.57 20.38 -27.77
CA LEU B 227 2.10 21.53 -26.98
C LEU B 227 3.59 21.70 -27.18
N ASN B 228 4.27 20.74 -27.81
CA ASN B 228 5.75 20.79 -27.92
C ASN B 228 6.35 20.93 -26.52
N LYS B 229 5.74 20.26 -25.54
CA LYS B 229 6.28 20.27 -24.15
C LYS B 229 6.23 18.85 -23.58
N LYS B 230 7.23 18.48 -22.77
CA LYS B 230 7.25 17.13 -22.15
C LYS B 230 6.12 17.03 -21.11
N VAL B 231 5.33 15.95 -21.17
CA VAL B 231 4.26 15.72 -20.17
C VAL B 231 4.77 14.60 -19.26
N VAL B 232 4.80 14.87 -17.95
CA VAL B 232 5.33 13.89 -16.98
C VAL B 232 4.20 13.43 -16.06
N PRO B 233 3.79 12.15 -16.13
CA PRO B 233 2.77 11.64 -15.23
C PRO B 233 3.30 11.46 -13.81
N VAL B 234 2.44 11.71 -12.82
CA VAL B 234 2.82 11.55 -11.40
C VAL B 234 1.68 10.81 -10.70
N GLY B 235 0.78 10.26 -11.50
CA GLY B 235 -0.37 9.56 -10.93
C GLY B 235 -0.23 8.05 -10.93
N PRO B 236 -1.18 7.35 -10.28
CA PRO B 236 -2.33 8.00 -9.68
C PRO B 236 -2.10 8.56 -8.26
N LEU B 237 -2.67 9.73 -7.96
CA LEU B 237 -2.54 10.35 -6.60
C LEU B 237 -3.87 10.12 -5.88
N VAL B 238 -3.88 9.18 -4.95
CA VAL B 238 -5.14 8.79 -4.27
C VAL B 238 -4.91 8.86 -2.76
N TYR B 239 -5.75 9.65 -2.13
CA TYR B 239 -5.67 9.78 -0.67
C TYR B 239 -6.32 8.56 -0.03
N GLU B 240 -5.64 8.04 0.99
CA GLU B 240 -6.25 6.95 1.75
C GLU B 240 -6.14 7.29 3.23
N PRO B 241 -7.26 7.40 3.94
CA PRO B 241 -7.22 7.73 5.34
C PRO B 241 -6.90 6.55 6.24
N ASN B 242 -6.82 6.82 7.55
CA ASN B 242 -6.63 5.74 8.54
C ASN B 242 -7.99 5.06 8.74
N GLY B 249 -18.73 10.75 10.88
CA GLY B 249 -19.99 10.11 10.49
C GLY B 249 -19.78 8.68 10.02
N TYR B 250 -18.53 8.22 9.92
CA TYR B 250 -18.31 6.88 9.34
C TYR B 250 -18.92 5.76 10.19
N SER B 251 -18.82 5.87 11.51
CA SER B 251 -19.35 4.82 12.40
C SER B 251 -20.78 4.41 12.03
N SER B 252 -21.69 5.37 11.93
CA SER B 252 -23.10 5.10 11.55
C SER B 252 -23.15 4.50 10.15
N ILE B 253 -22.37 5.06 9.24
CA ILE B 253 -22.38 4.56 7.84
C ILE B 253 -21.84 3.12 7.75
N LYS B 254 -20.74 2.84 8.44
CA LYS B 254 -20.15 1.48 8.41
C LYS B 254 -21.15 0.49 9.00
N ASN B 255 -21.86 0.91 10.04
CA ASN B 255 -22.80 0.01 10.73
C ASN B 255 -23.92 -0.39 9.76
N TRP B 256 -24.38 0.55 8.96
CA TRP B 256 -25.42 0.28 7.95
C TRP B 256 -24.82 -0.61 6.85
N LEU B 257 -23.63 -0.26 6.36
CA LEU B 257 -22.97 -1.06 5.30
C LEU B 257 -22.71 -2.48 5.80
N ASP B 258 -22.45 -2.62 7.11
CA ASP B 258 -22.14 -3.95 7.70
C ASP B 258 -23.36 -4.88 7.66
N LYS B 259 -24.53 -4.30 7.50
CA LYS B 259 -25.76 -5.11 7.42
C LYS B 259 -26.05 -5.53 5.98
N LYS B 260 -25.22 -5.08 5.03
CA LYS B 260 -25.50 -5.35 3.60
C LYS B 260 -24.65 -6.51 3.10
N GLU B 261 -25.06 -7.12 1.97
CA GLU B 261 -24.29 -8.22 1.36
C GLU B 261 -23.06 -7.64 0.65
N PRO B 262 -22.02 -8.45 0.35
CA PRO B 262 -20.84 -7.94 -0.34
C PRO B 262 -21.16 -7.36 -1.73
N SER B 263 -20.54 -6.24 -2.08
CA SER B 263 -20.70 -5.65 -3.44
C SER B 263 -22.18 -5.42 -3.78
N SER B 264 -22.98 -4.96 -2.81
CA SER B 264 -24.44 -4.78 -3.05
C SER B 264 -24.83 -3.30 -2.96
N THR B 265 -23.88 -2.43 -2.65
CA THR B 265 -24.25 -1.02 -2.40
C THR B 265 -23.55 -0.05 -3.35
N VAL B 266 -24.28 0.97 -3.82
CA VAL B 266 -23.62 2.01 -4.63
C VAL B 266 -23.43 3.27 -3.79
N PHE B 267 -22.28 3.90 -3.94
CA PHE B 267 -22.06 5.22 -3.34
C PHE B 267 -22.48 6.20 -4.46
N VAL B 268 -23.15 7.28 -4.08
CA VAL B 268 -23.65 8.26 -5.07
C VAL B 268 -23.13 9.65 -4.66
N SER B 269 -22.29 10.23 -5.52
CA SER B 269 -21.71 11.56 -5.22
C SER B 269 -21.47 12.37 -6.49
N PHE B 270 -21.70 13.67 -6.37
CA PHE B 270 -21.47 14.60 -7.49
C PHE B 270 -20.35 15.57 -7.13
N GLY B 271 -19.53 15.20 -6.15
CA GLY B 271 -18.34 16.00 -5.85
C GLY B 271 -18.49 17.18 -4.93
N SER B 272 -17.54 18.11 -4.99
CA SER B 272 -17.49 19.26 -4.05
C SER B 272 -17.96 20.56 -4.68
N GLU B 273 -18.15 20.57 -5.99
CA GLU B 273 -18.43 21.84 -6.70
C GLU B 273 -19.70 21.74 -7.55
N TYR B 274 -20.59 20.79 -7.29
CA TYR B 274 -21.77 20.70 -8.18
C TYR B 274 -23.03 20.38 -7.39
N PHE B 275 -24.10 21.09 -7.73
CA PHE B 275 -25.41 20.83 -7.07
C PHE B 275 -26.39 20.39 -8.15
N PRO B 276 -26.71 19.10 -8.25
CA PRO B 276 -27.67 18.64 -9.22
C PRO B 276 -29.03 19.31 -9.10
N SER B 277 -29.64 19.59 -10.24
CA SER B 277 -31.00 20.20 -10.29
C SER B 277 -32.02 19.23 -9.73
N LYS B 278 -33.19 19.75 -9.38
CA LYS B 278 -34.28 18.87 -8.89
C LYS B 278 -34.63 17.84 -9.96
N GLU B 279 -34.63 18.27 -11.23
CA GLU B 279 -34.94 17.34 -12.36
C GLU B 279 -33.89 16.23 -12.45
N GLU B 280 -32.63 16.60 -12.27
CA GLU B 280 -31.53 15.61 -12.31
C GLU B 280 -31.69 14.66 -11.12
N MET B 281 -31.93 15.21 -9.93
CA MET B 281 -32.09 14.39 -8.71
C MET B 281 -33.30 13.44 -8.86
N GLU B 282 -34.35 13.88 -9.53
CA GLU B 282 -35.53 13.03 -9.78
C GLU B 282 -35.15 11.77 -10.58
N GLU B 283 -34.37 11.96 -11.63
CA GLU B 283 -33.99 10.83 -12.50
C GLU B 283 -33.04 9.87 -11.75
N ILE B 284 -32.06 10.44 -11.05
CA ILE B 284 -31.11 9.60 -10.27
C ILE B 284 -31.91 8.81 -9.23
N ALA B 285 -32.79 9.48 -8.51
CA ALA B 285 -33.54 8.81 -7.42
C ALA B 285 -34.40 7.68 -7.96
N HIS B 286 -35.17 7.97 -9.00
CA HIS B 286 -36.05 6.93 -9.59
C HIS B 286 -35.20 5.80 -10.18
N GLY B 287 -34.00 6.12 -10.65
CA GLY B 287 -33.10 5.07 -11.16
C GLY B 287 -32.65 4.17 -10.05
N LEU B 288 -32.21 4.77 -8.95
CA LEU B 288 -31.81 3.96 -7.77
C LEU B 288 -33.01 3.12 -7.30
N GLU B 289 -34.18 3.74 -7.26
CA GLU B 289 -35.40 3.02 -6.78
C GLU B 289 -35.68 1.79 -7.66
N ALA B 290 -35.69 1.99 -8.97
CA ALA B 290 -36.02 0.88 -9.88
C ALA B 290 -34.98 -0.23 -9.83
N SER B 291 -33.72 0.14 -9.61
CA SER B 291 -32.62 -0.85 -9.57
C SER B 291 -32.76 -1.79 -8.36
N GLU B 292 -33.39 -1.31 -7.31
CA GLU B 292 -33.55 -2.09 -6.05
C GLU B 292 -32.20 -2.22 -5.33
N VAL B 293 -31.23 -1.41 -5.71
CA VAL B 293 -29.88 -1.48 -5.10
C VAL B 293 -29.87 -0.85 -3.73
N ASN B 294 -28.87 -1.19 -2.94
CA ASN B 294 -28.64 -0.45 -1.68
C ASN B 294 -27.82 0.79 -2.09
N PHE B 295 -28.03 1.91 -1.42
CA PHE B 295 -27.33 3.13 -1.84
C PHE B 295 -27.07 4.10 -0.70
N ILE B 296 -25.91 4.74 -0.76
CA ILE B 296 -25.59 5.85 0.18
C ILE B 296 -25.40 7.06 -0.75
N TRP B 297 -26.19 8.11 -0.56
CA TRP B 297 -26.17 9.26 -1.48
C TRP B 297 -25.88 10.54 -0.70
N VAL B 298 -24.78 11.20 -1.07
CA VAL B 298 -24.44 12.49 -0.44
C VAL B 298 -25.20 13.61 -1.16
N VAL B 299 -26.02 14.30 -0.38
CA VAL B 299 -26.82 15.41 -0.92
C VAL B 299 -26.34 16.70 -0.26
N ARG B 300 -26.06 17.72 -1.05
CA ARG B 300 -25.47 18.97 -0.50
C ARG B 300 -26.32 20.18 -0.87
N PHE B 301 -26.17 21.26 -0.12
CA PHE B 301 -26.91 22.50 -0.43
C PHE B 301 -25.88 23.62 -0.45
N PRO B 302 -26.04 24.68 -1.26
CA PRO B 302 -25.02 25.70 -1.37
C PRO B 302 -24.74 26.39 -0.03
N GLN B 303 -23.47 26.75 0.20
CA GLN B 303 -23.17 27.53 1.42
C GLN B 303 -24.14 28.72 1.39
N GLU B 311 -35.53 16.66 1.47
CA GLU B 311 -37.00 16.43 1.59
C GLU B 311 -37.68 17.14 0.42
N ASP B 312 -37.54 18.46 0.33
CA ASP B 312 -38.06 19.16 -0.87
C ASP B 312 -37.18 18.77 -2.07
N ALA B 313 -35.87 18.62 -1.87
CA ALA B 313 -34.92 18.28 -2.96
C ALA B 313 -35.18 16.90 -3.60
N LEU B 314 -35.50 15.91 -2.78
CA LEU B 314 -35.68 14.53 -3.30
C LEU B 314 -37.16 14.29 -3.66
N PRO B 315 -37.51 13.39 -4.59
CA PRO B 315 -38.92 13.14 -4.91
C PRO B 315 -39.69 12.69 -3.68
N LYS B 316 -40.97 13.05 -3.66
CA LYS B 316 -41.82 12.75 -2.51
C LYS B 316 -41.95 11.25 -2.30
N GLY B 317 -41.69 10.81 -1.07
CA GLY B 317 -41.76 9.42 -0.70
C GLY B 317 -40.60 8.56 -1.15
N PHE B 318 -39.56 9.16 -1.75
CA PHE B 318 -38.44 8.36 -2.24
C PHE B 318 -37.73 7.61 -1.11
N LEU B 319 -37.32 8.32 -0.07
CA LEU B 319 -36.60 7.66 1.02
C LEU B 319 -37.50 6.70 1.78
N GLU B 320 -38.79 7.04 1.89
CA GLU B 320 -39.75 6.16 2.58
C GLU B 320 -39.84 4.84 1.81
N ARG B 321 -40.00 4.92 0.48
CA ARG B 321 -40.11 3.69 -0.31
C ARG B 321 -38.80 2.92 -0.30
N ALA B 322 -37.66 3.63 -0.26
CA ALA B 322 -36.38 2.93 -0.25
C ALA B 322 -36.17 2.16 1.05
N GLY B 323 -36.61 2.73 2.17
CA GLY B 323 -36.50 2.02 3.43
C GLY B 323 -35.06 1.73 3.78
N GLU B 324 -34.81 0.49 4.23
CA GLU B 324 -33.47 0.13 4.65
C GLU B 324 -32.47 0.06 3.48
N ARG B 325 -32.95 0.07 2.24
CA ARG B 325 -32.04 0.03 1.11
C ARG B 325 -31.29 1.35 0.91
N GLY B 326 -31.82 2.44 1.44
CA GLY B 326 -31.32 3.77 1.13
C GLY B 326 -30.83 4.52 2.35
N MET B 327 -29.76 5.28 2.15
CA MET B 327 -29.24 6.22 3.15
C MET B 327 -28.78 7.48 2.44
N VAL B 328 -29.27 8.63 2.89
CA VAL B 328 -28.82 9.93 2.40
C VAL B 328 -27.94 10.56 3.47
N VAL B 329 -26.73 10.95 3.06
CA VAL B 329 -25.79 11.66 3.92
C VAL B 329 -25.80 13.13 3.51
N LYS B 330 -26.01 14.03 4.46
CA LYS B 330 -26.07 15.45 4.16
C LYS B 330 -24.68 16.07 4.22
N GLY B 331 -24.35 16.87 3.20
CA GLY B 331 -23.15 17.69 3.23
C GLY B 331 -21.87 17.06 2.71
N TRP B 332 -21.44 15.96 3.32
CA TRP B 332 -20.11 15.42 3.08
C TRP B 332 -20.05 14.02 3.69
N ALA B 333 -19.45 13.08 2.96
CA ALA B 333 -19.31 11.70 3.36
C ALA B 333 -17.85 11.28 3.28
N PRO B 334 -17.48 10.25 4.05
CA PRO B 334 -16.12 9.69 3.94
C PRO B 334 -16.01 8.81 2.70
N GLN B 335 -15.78 9.46 1.57
CA GLN B 335 -15.89 8.77 0.27
C GLN B 335 -14.93 7.60 0.17
N ALA B 336 -13.67 7.80 0.57
CA ALA B 336 -12.68 6.74 0.41
C ALA B 336 -13.01 5.54 1.27
N LYS B 337 -13.40 5.77 2.54
CA LYS B 337 -13.74 4.64 3.40
C LYS B 337 -14.96 3.88 2.87
N ILE B 338 -15.96 4.61 2.34
CA ILE B 338 -17.14 3.95 1.80
C ILE B 338 -16.77 3.13 0.57
N LEU B 339 -15.97 3.71 -0.34
CA LEU B 339 -15.58 2.97 -1.54
C LEU B 339 -14.77 1.72 -1.20
N LYS B 340 -14.01 1.74 -0.10
CA LYS B 340 -13.21 0.59 0.27
C LYS B 340 -13.99 -0.46 1.04
N HIS B 341 -15.23 -0.18 1.43
CA HIS B 341 -16.01 -1.15 2.19
C HIS B 341 -16.42 -2.35 1.33
N TRP B 342 -16.32 -3.55 1.92
CA TRP B 342 -16.65 -4.79 1.20
C TRP B 342 -18.07 -4.80 0.66
N SER B 343 -18.98 -4.04 1.27
CA SER B 343 -20.37 -4.00 0.81
C SER B 343 -20.56 -3.12 -0.41
N THR B 344 -19.55 -2.40 -0.84
CA THR B 344 -19.71 -1.44 -1.92
C THR B 344 -19.37 -2.11 -3.25
N GLY B 345 -20.35 -2.14 -4.16
CA GLY B 345 -20.16 -2.79 -5.44
C GLY B 345 -20.17 -1.85 -6.64
N GLY B 346 -20.36 -0.56 -6.42
CA GLY B 346 -20.48 0.38 -7.52
C GLY B 346 -20.44 1.81 -7.04
N PHE B 347 -20.18 2.72 -7.98
CA PHE B 347 -20.02 4.13 -7.66
C PHE B 347 -20.73 4.93 -8.74
N VAL B 348 -21.87 5.51 -8.38
CA VAL B 348 -22.59 6.44 -9.24
C VAL B 348 -21.95 7.80 -9.05
N SER B 349 -21.19 8.24 -10.04
CA SER B 349 -20.23 9.32 -9.88
C SER B 349 -20.40 10.35 -10.98
N HIS B 350 -20.21 11.61 -10.61
CA HIS B 350 -20.11 12.67 -11.61
C HIS B 350 -18.83 12.57 -12.44
N CYS B 351 -17.92 11.69 -12.07
CA CYS B 351 -16.66 11.47 -12.80
C CYS B 351 -15.71 12.65 -12.73
N GLY B 352 -15.74 13.40 -11.63
CA GLY B 352 -14.56 14.16 -11.27
C GLY B 352 -13.35 13.26 -11.23
N TRP B 353 -12.19 13.83 -11.57
CA TRP B 353 -10.99 13.01 -11.78
C TRP B 353 -10.53 12.33 -10.51
N ASN B 354 -10.56 13.01 -9.37
CA ASN B 354 -10.10 12.35 -8.16
C ASN B 354 -11.01 11.18 -7.81
N SER B 355 -12.31 11.34 -8.04
CA SER B 355 -13.25 10.26 -7.78
C SER B 355 -12.99 9.09 -8.72
N VAL B 356 -12.68 9.36 -9.98
CA VAL B 356 -12.38 8.29 -10.92
C VAL B 356 -11.12 7.56 -10.50
N MET B 357 -10.08 8.31 -10.14
CA MET B 357 -8.82 7.68 -9.73
C MET B 357 -9.02 6.88 -8.46
N GLU B 358 -9.79 7.41 -7.51
CA GLU B 358 -10.09 6.67 -6.28
C GLU B 358 -10.83 5.39 -6.60
N SER B 359 -11.88 5.47 -7.41
CA SER B 359 -12.64 4.27 -7.73
C SER B 359 -11.77 3.23 -8.42
N MET B 360 -10.90 3.66 -9.33
CA MET B 360 -10.01 2.72 -9.98
C MET B 360 -9.02 2.09 -9.01
N MET B 361 -8.42 2.90 -8.13
CA MET B 361 -7.48 2.36 -7.15
C MET B 361 -8.15 1.33 -6.25
N PHE B 362 -9.42 1.60 -5.88
CA PHE B 362 -10.12 0.72 -4.92
C PHE B 362 -10.88 -0.41 -5.62
N GLY B 363 -10.83 -0.47 -6.96
CA GLY B 363 -11.47 -1.58 -7.69
C GLY B 363 -12.98 -1.48 -7.76
N VAL B 364 -13.53 -0.29 -7.58
CA VAL B 364 -15.03 -0.14 -7.57
C VAL B 364 -15.48 0.31 -8.96
N PRO B 365 -16.38 -0.45 -9.63
CA PRO B 365 -16.88 -0.07 -10.96
C PRO B 365 -17.65 1.26 -10.90
N ILE B 366 -17.49 2.10 -11.93
CA ILE B 366 -18.14 3.44 -11.92
C ILE B 366 -19.38 3.46 -12.82
N ILE B 367 -20.52 3.93 -12.29
CA ILE B 367 -21.71 4.17 -13.16
C ILE B 367 -21.60 5.67 -13.40
N GLY B 368 -21.23 6.08 -14.61
CA GLY B 368 -20.87 7.48 -14.84
C GLY B 368 -22.08 8.35 -15.10
N VAL B 369 -22.22 9.41 -14.32
CA VAL B 369 -23.27 10.40 -14.55
C VAL B 369 -22.58 11.75 -14.63
N PRO B 370 -21.78 12.02 -15.66
CA PRO B 370 -21.03 13.27 -15.71
C PRO B 370 -21.94 14.48 -15.89
N MET B 371 -21.46 15.63 -15.40
CA MET B 371 -22.33 16.84 -15.44
C MET B 371 -21.73 17.92 -16.35
N HIS B 372 -20.47 18.27 -16.15
CA HIS B 372 -19.89 19.40 -16.94
C HIS B 372 -18.37 19.35 -16.96
N VAL B 373 -17.73 20.28 -17.68
CA VAL B 373 -16.24 20.39 -17.76
C VAL B 373 -15.60 19.07 -18.22
N ASP B 374 -14.56 18.60 -17.52
CA ASP B 374 -13.81 17.38 -17.94
C ASP B 374 -14.61 16.10 -17.67
N GLN B 375 -15.70 16.17 -16.93
CA GLN B 375 -16.42 14.94 -16.51
C GLN B 375 -16.93 14.10 -17.69
N PRO B 376 -17.56 14.65 -18.76
CA PRO B 376 -17.95 13.82 -19.91
C PRO B 376 -16.76 13.06 -20.51
N PHE B 377 -15.61 13.72 -20.66
CA PHE B 377 -14.42 13.05 -21.17
C PHE B 377 -13.95 11.96 -20.21
N ASN B 378 -13.99 12.24 -18.91
CA ASN B 378 -13.59 11.25 -17.93
C ASN B 378 -14.48 10.02 -18.00
N ALA B 379 -15.79 10.23 -18.18
CA ALA B 379 -16.71 9.11 -18.25
C ALA B 379 -16.45 8.27 -19.49
N GLY B 380 -16.12 8.93 -20.60
CA GLY B 380 -15.80 8.19 -21.81
C GLY B 380 -14.52 7.41 -21.68
N LEU B 381 -13.57 7.94 -20.90
CA LEU B 381 -12.32 7.23 -20.67
C LEU B 381 -12.55 6.00 -19.80
N VAL B 382 -13.33 6.18 -18.74
CA VAL B 382 -13.75 5.04 -17.92
C VAL B 382 -14.39 3.96 -18.77
N GLU B 383 -15.30 4.36 -19.65
CA GLU B 383 -16.02 3.41 -20.48
C GLU B 383 -15.07 2.71 -21.45
N GLU B 384 -14.17 3.46 -22.11
CA GLU B 384 -13.30 2.82 -23.07
C GLU B 384 -12.26 1.92 -22.39
N ALA B 385 -11.89 2.22 -21.15
CA ALA B 385 -10.98 1.33 -20.43
C ALA B 385 -11.69 0.06 -19.95
N GLY B 386 -13.01 0.03 -19.98
CA GLY B 386 -13.73 -1.15 -19.56
C GLY B 386 -13.91 -1.31 -18.06
N VAL B 387 -13.51 -0.31 -17.26
CA VAL B 387 -13.62 -0.42 -15.80
C VAL B 387 -14.93 0.15 -15.28
N GLY B 388 -15.77 0.70 -16.13
CA GLY B 388 -17.05 1.21 -15.70
C GLY B 388 -17.91 1.44 -16.91
N VAL B 389 -19.09 1.99 -16.66
CA VAL B 389 -20.06 2.25 -17.70
C VAL B 389 -20.54 3.68 -17.55
N GLU B 390 -21.10 4.22 -18.63
CA GLU B 390 -21.63 5.58 -18.62
C GLU B 390 -23.12 5.55 -18.88
N ALA B 391 -23.89 6.15 -17.97
CA ALA B 391 -25.32 6.36 -18.21
C ALA B 391 -25.49 7.47 -19.24
N LYS B 392 -26.10 7.14 -20.37
CA LYS B 392 -26.18 8.09 -21.46
C LYS B 392 -27.35 9.06 -21.25
N ARG B 393 -27.13 10.30 -21.66
CA ARG B 393 -28.20 11.28 -21.69
C ARG B 393 -29.05 11.09 -22.93
N ASP B 394 -30.31 11.51 -22.83
CA ASP B 394 -31.25 11.32 -23.92
C ASP B 394 -31.01 12.40 -24.96
N PRO B 395 -31.73 12.41 -26.09
CA PRO B 395 -31.42 13.40 -27.12
C PRO B 395 -31.55 14.83 -26.66
N ASP B 396 -32.41 15.10 -25.68
CA ASP B 396 -32.54 16.44 -25.12
C ASP B 396 -31.44 16.76 -24.11
N GLY B 397 -30.50 15.84 -23.87
CA GLY B 397 -29.47 16.09 -22.89
C GLY B 397 -29.88 15.86 -21.45
N LYS B 398 -30.94 15.10 -21.21
CA LYS B 398 -31.40 14.83 -19.86
C LYS B 398 -30.84 13.49 -19.36
N ILE B 399 -30.56 13.43 -18.07
CA ILE B 399 -30.28 12.15 -17.43
C ILE B 399 -31.53 11.28 -17.48
N GLN B 400 -31.34 9.97 -17.63
CA GLN B 400 -32.42 9.01 -17.81
C GLN B 400 -32.47 8.04 -16.64
N ARG B 401 -33.61 8.05 -15.92
CA ARG B 401 -33.81 7.09 -14.83
C ARG B 401 -33.67 5.65 -15.32
N ASP B 402 -34.21 5.34 -16.51
CA ASP B 402 -34.13 3.97 -17.02
C ASP B 402 -32.69 3.56 -17.27
N GLU B 403 -31.84 4.51 -17.65
CA GLU B 403 -30.45 4.19 -17.95
C GLU B 403 -29.66 3.98 -16.66
N VAL B 404 -29.91 4.83 -15.66
CA VAL B 404 -29.28 4.64 -14.36
C VAL B 404 -29.69 3.31 -13.75
N ALA B 405 -31.01 3.02 -13.78
CA ALA B 405 -31.52 1.76 -13.25
C ALA B 405 -30.90 0.57 -13.96
N LYS B 406 -30.83 0.61 -15.30
CA LYS B 406 -30.32 -0.51 -16.07
C LYS B 406 -28.86 -0.81 -15.73
N LEU B 407 -28.01 0.23 -15.72
CA LEU B 407 -26.59 0.00 -15.49
C LEU B 407 -26.32 -0.46 -14.06
N ILE B 408 -27.05 0.08 -13.08
CA ILE B 408 -26.88 -0.41 -11.70
C ILE B 408 -27.29 -1.87 -11.62
N LYS B 409 -28.40 -2.22 -12.27
CA LYS B 409 -28.83 -3.61 -12.26
C LYS B 409 -27.75 -4.53 -12.84
N GLU B 410 -27.16 -4.12 -13.98
CA GLU B 410 -26.19 -5.00 -14.64
C GLU B 410 -24.85 -5.03 -13.94
N VAL B 411 -24.42 -3.91 -13.38
CA VAL B 411 -23.08 -3.87 -12.81
C VAL B 411 -23.07 -4.35 -11.38
N VAL B 412 -24.11 -4.05 -10.61
CA VAL B 412 -24.10 -4.24 -9.16
C VAL B 412 -25.11 -5.29 -8.70
N VAL B 413 -26.39 -5.13 -9.05
CA VAL B 413 -27.41 -6.00 -8.47
C VAL B 413 -27.28 -7.42 -9.02
N GLU B 414 -27.36 -7.57 -10.35
CA GLU B 414 -27.28 -8.90 -10.96
C GLU B 414 -25.88 -9.27 -11.38
N LYS B 415 -24.99 -8.29 -11.57
CA LYS B 415 -23.61 -8.52 -11.93
C LYS B 415 -23.48 -9.32 -13.23
N THR B 416 -24.31 -8.95 -14.22
CA THR B 416 -24.20 -9.52 -15.55
C THR B 416 -23.07 -8.90 -16.35
N ARG B 417 -22.49 -7.78 -15.90
CA ARG B 417 -21.31 -7.19 -16.52
C ARG B 417 -20.05 -7.68 -15.83
N GLU B 418 -19.86 -9.01 -15.89
CA GLU B 418 -18.68 -9.63 -15.31
C GLU B 418 -17.40 -9.03 -15.89
N ASP B 419 -17.44 -8.65 -17.18
CA ASP B 419 -16.26 -8.06 -17.82
C ASP B 419 -15.86 -6.75 -17.17
N VAL B 420 -16.85 -5.92 -16.79
CA VAL B 420 -16.53 -4.66 -16.13
C VAL B 420 -15.91 -4.92 -14.75
N ARG B 421 -16.48 -5.85 -14.00
CA ARG B 421 -15.97 -6.14 -12.63
C ARG B 421 -14.54 -6.69 -12.75
N LYS B 422 -14.29 -7.53 -13.75
CA LYS B 422 -12.95 -8.09 -13.94
C LYS B 422 -11.95 -6.99 -14.31
N LYS B 423 -12.32 -6.13 -15.27
CA LYS B 423 -11.41 -5.05 -15.66
C LYS B 423 -11.16 -4.11 -14.50
N ALA B 424 -12.19 -3.85 -13.69
CA ALA B 424 -12.00 -2.99 -12.52
C ALA B 424 -11.02 -3.60 -11.54
N ARG B 425 -11.12 -4.92 -11.33
CA ARG B 425 -10.18 -5.59 -10.43
C ARG B 425 -8.77 -5.53 -10.99
N GLU B 426 -8.63 -5.82 -12.30
CA GLU B 426 -7.31 -5.81 -12.92
C GLU B 426 -6.67 -4.45 -12.84
N MET B 427 -7.47 -3.39 -12.97
CA MET B 427 -6.94 -2.03 -12.91
C MET B 427 -6.48 -1.69 -11.50
N SER B 428 -7.27 -2.09 -10.49
CA SER B 428 -6.87 -1.93 -9.11
C SER B 428 -5.54 -2.64 -8.84
N GLU B 429 -5.37 -3.85 -9.37
CA GLU B 429 -4.12 -4.57 -9.15
C GLU B 429 -2.92 -3.83 -9.74
N ILE B 430 -3.09 -3.25 -10.94
CA ILE B 430 -2.02 -2.49 -11.56
C ILE B 430 -1.69 -1.26 -10.71
N LEU B 431 -2.72 -0.55 -10.26
CA LEU B 431 -2.49 0.70 -9.53
C LEU B 431 -1.89 0.42 -8.16
N ARG B 432 -2.29 -0.68 -7.52
CA ARG B 432 -1.73 -1.01 -6.21
C ARG B 432 -0.28 -1.40 -6.31
N SER B 433 0.16 -1.90 -7.47
CA SER B 433 1.52 -2.38 -7.63
C SER B 433 2.52 -1.23 -7.81
N LYS B 434 2.02 0.00 -7.96
CA LYS B 434 2.93 1.12 -8.16
C LYS B 434 3.44 1.61 -6.82
N GLY B 435 4.63 2.13 -6.78
CA GLY B 435 5.05 2.74 -5.51
C GLY B 435 5.50 4.16 -5.74
N GLU B 436 6.56 4.53 -5.06
CA GLU B 436 7.10 5.90 -5.19
C GLU B 436 7.83 6.05 -6.52
N GLU B 437 8.15 4.95 -7.20
CA GLU B 437 8.94 4.98 -8.46
C GLU B 437 8.19 5.90 -9.41
N LYS B 438 6.91 5.97 -9.15
CA LYS B 438 6.07 6.79 -10.02
C LYS B 438 6.43 8.27 -9.95
N PHE B 439 7.26 8.67 -8.98
CA PHE B 439 7.68 10.06 -8.86
C PHE B 439 9.10 10.31 -9.34
N ASP B 440 9.80 9.26 -9.80
CA ASP B 440 11.20 9.41 -10.19
C ASP B 440 11.37 10.44 -11.30
N GLU B 441 10.46 10.43 -12.28
CA GLU B 441 10.62 11.31 -13.44
C GLU B 441 10.46 12.77 -13.04
N MET B 442 9.43 13.07 -12.25
CA MET B 442 9.26 14.42 -11.73
C MET B 442 10.50 14.88 -10.96
N VAL B 443 10.99 14.04 -10.06
CA VAL B 443 12.12 14.45 -9.24
C VAL B 443 13.36 14.72 -10.09
N ALA B 444 13.58 13.88 -11.11
CA ALA B 444 14.74 14.10 -11.99
C ALA B 444 14.61 15.42 -12.73
N GLU B 445 13.41 15.73 -13.23
CA GLU B 445 13.20 16.96 -13.98
C GLU B 445 13.34 18.17 -13.08
N ILE B 446 12.87 18.06 -11.83
CA ILE B 446 13.03 19.15 -10.88
C ILE B 446 14.51 19.39 -10.62
N SER B 447 15.26 18.32 -10.39
CA SER B 447 16.69 18.44 -10.14
C SER B 447 17.40 19.08 -11.32
N LEU B 448 17.10 18.63 -12.55
CA LEU B 448 17.72 19.21 -13.73
C LEU B 448 17.36 20.70 -13.86
N LEU B 449 16.08 21.02 -13.71
CA LEU B 449 15.64 22.40 -13.87
C LEU B 449 16.35 23.33 -12.89
N LEU B 450 16.43 22.92 -11.62
CA LEU B 450 17.07 23.77 -10.62
C LEU B 450 18.57 23.88 -10.86
N LYS B 451 19.21 22.83 -11.38
CA LYS B 451 20.65 22.92 -11.66
C LYS B 451 20.92 23.86 -12.82
N ILE B 452 20.06 23.83 -13.85
CA ILE B 452 20.25 24.74 -14.98
C ILE B 452 19.99 26.17 -14.55
N GLU B 453 18.90 26.39 -13.80
CA GLU B 453 18.55 27.77 -13.45
C GLU B 453 19.53 28.36 -12.45
N HIS B 454 20.13 27.52 -11.61
CA HIS B 454 21.16 28.00 -10.70
C HIS B 454 22.33 28.61 -11.45
N HIS B 455 22.74 27.99 -12.56
CA HIS B 455 23.79 28.58 -13.40
C HIS B 455 23.37 29.94 -13.92
N HIS B 456 22.15 30.04 -14.47
CA HIS B 456 21.74 31.29 -15.08
C HIS B 456 21.48 32.39 -14.06
N HIS B 457 21.43 32.06 -12.77
CA HIS B 457 21.24 33.10 -11.73
C HIS B 457 22.52 33.38 -10.93
#